data_4NGQ
#
_entry.id   4NGQ
#
_cell.length_a   101.088
_cell.length_b   130.347
_cell.length_c   158.784
_cell.angle_alpha   90.000
_cell.angle_beta   90.000
_cell.angle_gamma   90.000
#
_symmetry.space_group_name_H-M   'I 2 2 2'
#
loop_
_entity.id
_entity.type
_entity.pdbx_description
1 polymer 'Glutamate carboxypeptidase 2'
2 branched 2-acetamido-2-deoxy-beta-D-glucopyranose-(1-4)-2-acetamido-2-deoxy-beta-D-glucopyranose
3 branched alpha-D-mannopyranose-(1-3)-[alpha-D-mannopyranose-(1-6)]beta-D-mannopyranose-(1-4)-2-acetamido-2-deoxy-beta-D-glucopyranose-(1-4)-2-acetamido-2-deoxy-beta-D-glucopyranose
4 non-polymer 2-acetamido-2-deoxy-beta-D-glucopyranose
5 non-polymer 'ZINC ION'
6 non-polymer 'CHLORIDE ION'
7 non-polymer 'CALCIUM ION'
8 non-polymer 'N-({(1S)-6-(4-bromobenzyl)-1-carboxy-7,47-dioxo-52-[(3aS,4S,6aR)-2-oxohexahydro-1H-thieno[3,4-d]imidazol-4-yl]-10,13,16,19,22,25,28,31,34,37,40,43-dodecaoxa-6,46-diazadopentacont-1-yl}carbamoyl)-L-glutamic acid'
9 water water
#
_entity_poly.entity_id   1
_entity_poly.type   'polypeptide(L)'
_entity_poly.pdbx_seq_one_letter_code
;RSGLNDIFEAQKIEWHEGSGSGSENLYFQGRSKSSNEATNITPKHNMKAFLDELKAENIKKFLYNFTQIPHLAGTEQNFQ
LAKQIQSQWKEFGLDSVELAHYDVLLSYPNKTHPNYISIINEDGNEIFNTSLFEPPPPGYENVSDIVPPFSAFSPQGMPE
GDLVYVNYARTEDFFKLERDMKINCSGKIVIARYGKVFRGNKVKNAQLAGAKGVILYSDPADYFAPGVKSYPDGWNLPGG
GVQRGNILNLNGAGDPLTPGYPANEYAYRRGIAEAVGLPSIPVHPIGYYDAQKLLEKMGGSAPPDSSWRGSLKVPYNVGP
GFTGNFSTQKVKMHIHSTNEVTRIYNVIGTLRGAVEPDRYVILGGHRDSWVFGGIDPQSGAAVVHEIVRSFGTLKKEGWR
PRRTILFASWDAEEFGLLGSTEWAEENSRLLQERGVAYINADSSIEGNYTLRVDCTPLMYSLVHNLTKELKSPDEGFEGK
SLYESWTKKSPSPEFSGMPRISKLGSGNDFEVFFQRLGIASGRARYTKNWETNKFSGYPLYHSVYETYELVEKFYDPMFK
YHLTVAQVRGGMVFELANSIVLPFDCRDYAVVLRKYADKIYSISMKHPQEMKTYSVSFDSLFSAVKNFTEIASKFSERLQ
DFDKSNPIVLRMMNDQLMFLERAFIDPLGLPDRPFYRHVIYAPSSHNKYAGESFPGIYDALFDIESKVDPSKAWGEVKRQ
IYVAAFTVQAAAETLSEVA
;
_entity_poly.pdbx_strand_id   A
#
loop_
_chem_comp.id
_chem_comp.type
_chem_comp.name
_chem_comp.formula
BMA D-saccharide, beta linking beta-D-mannopyranose 'C6 H12 O6'
CA non-polymer 'CALCIUM ION' 'Ca 2'
CL non-polymer 'CHLORIDE ION' 'Cl -1'
J37 non-polymer 'N-({(1S)-6-(4-bromobenzyl)-1-carboxy-7,47-dioxo-52-[(3aS,4S,6aR)-2-oxohexahydro-1H-thieno[3,4-d]imidazol-4-yl]-10,13,16,19,22,25,28,31,34,37,40,43-dodecaoxa-6,46-diazadopentacont-1-yl}carbamoyl)-L-glutamic acid' 'C57 H95 Br N6 O22 S'
MAN D-saccharide, alpha linking alpha-D-mannopyranose 'C6 H12 O6'
NAG D-saccharide, beta linking 2-acetamido-2-deoxy-beta-D-glucopyranose 'C8 H15 N O6'
ZN non-polymer 'ZINC ION' 'Zn 2'
#
# COMPACT_ATOMS: atom_id res chain seq x y z
N LYS A 44 31.88 14.41 15.18
CA LYS A 44 31.77 13.29 14.18
C LYS A 44 30.51 13.43 13.30
N HIS A 45 30.64 12.99 12.07
CA HIS A 45 29.52 12.88 11.18
C HIS A 45 29.19 11.44 11.11
N ASN A 46 28.28 10.98 11.97
CA ASN A 46 27.90 9.59 12.03
C ASN A 46 26.38 9.53 12.12
N MET A 47 25.84 8.35 12.40
CA MET A 47 24.42 8.29 12.43
C MET A 47 23.85 9.19 13.55
N LYS A 48 24.52 9.23 14.69
CA LYS A 48 23.99 9.98 15.82
C LYS A 48 23.87 11.44 15.45
N ALA A 49 24.85 11.98 14.78
CA ALA A 49 24.74 13.34 14.31
C ALA A 49 23.53 13.55 13.38
N PHE A 50 23.31 12.58 12.51
CA PHE A 50 22.17 12.68 11.61
C PHE A 50 20.86 12.74 12.43
N LEU A 51 20.74 11.78 13.31
CA LEU A 51 19.57 11.57 14.06
C LEU A 51 19.29 12.77 14.98
N ASP A 52 20.34 13.34 15.59
CA ASP A 52 20.11 14.39 16.59
C ASP A 52 19.68 15.65 15.87
N GLU A 53 20.00 15.80 14.59
CA GLU A 53 19.65 17.02 13.92
C GLU A 53 18.15 17.10 13.55
N LEU A 54 17.49 15.93 13.50
CA LEU A 54 16.02 15.84 13.24
C LEU A 54 15.22 16.52 14.43
N LYS A 55 14.26 17.42 14.15
CA LYS A 55 13.46 18.07 15.20
C LYS A 55 11.98 17.88 15.00
N ALA A 56 11.29 17.51 16.07
CA ALA A 56 9.84 17.39 16.10
C ALA A 56 9.21 18.72 15.63
N GLU A 57 9.78 19.80 16.08
CA GLU A 57 9.23 21.13 15.81
C GLU A 57 9.28 21.44 14.33
N ASN A 58 10.31 20.96 13.62
CA ASN A 58 10.38 21.14 12.17
C ASN A 58 9.37 20.35 11.41
N ILE A 59 9.16 19.12 11.84
CA ILE A 59 8.17 18.28 11.19
C ILE A 59 6.75 18.96 11.29
N LYS A 60 6.44 19.43 12.50
CA LYS A 60 5.20 20.11 12.78
C LYS A 60 5.02 21.26 11.83
N LYS A 61 6.03 22.12 11.68
CA LYS A 61 5.97 23.26 10.72
C LYS A 61 5.72 22.87 9.29
N PHE A 62 6.41 21.83 8.87
CA PHE A 62 6.29 21.35 7.49
C PHE A 62 4.88 20.79 7.31
N LEU A 63 4.38 20.05 8.25
CA LEU A 63 3.07 19.47 8.08
C LEU A 63 2.01 20.55 7.94
N TYR A 64 2.11 21.57 8.81
CA TYR A 64 1.15 22.71 8.73
C TYR A 64 1.26 23.35 7.33
N ASN A 65 2.47 23.59 6.87
CA ASN A 65 2.71 24.14 5.54
C ASN A 65 2.16 23.33 4.35
N PHE A 66 2.10 21.99 4.51
CA PHE A 66 1.71 21.09 3.41
C PHE A 66 0.20 20.79 3.42
N THR A 67 -0.54 21.28 4.42
CA THR A 67 -1.91 20.90 4.63
C THR A 67 -2.95 22.02 4.67
N GLN A 68 -2.60 23.24 4.26
CA GLN A 68 -3.55 24.37 4.21
C GLN A 68 -4.51 24.37 3.05
N ILE A 69 -4.10 23.78 1.93
CA ILE A 69 -4.99 23.69 0.77
C ILE A 69 -4.90 22.29 0.20
N PRO A 70 -5.88 21.91 -0.60
CA PRO A 70 -5.84 20.59 -1.17
C PRO A 70 -4.72 20.45 -2.20
N HIS A 71 -4.13 19.24 -2.28
CA HIS A 71 -3.11 18.99 -3.29
C HIS A 71 -3.40 17.81 -4.17
N LEU A 72 -4.55 17.87 -4.80
CA LEU A 72 -5.02 16.81 -5.61
C LEU A 72 -4.09 16.57 -6.83
N ALA A 73 -3.78 15.30 -7.09
CA ALA A 73 -2.99 15.01 -8.31
C ALA A 73 -3.58 15.67 -9.54
N GLY A 74 -2.68 16.26 -10.32
CA GLY A 74 -3.00 16.85 -11.57
C GLY A 74 -3.52 18.26 -11.47
N THR A 75 -3.64 18.80 -10.25
CA THR A 75 -4.10 20.17 -10.11
C THR A 75 -2.91 21.16 -9.97
N GLU A 76 -3.23 22.44 -10.19
CA GLU A 76 -2.22 23.44 -10.16
C GLU A 76 -1.57 23.56 -8.80
N GLN A 77 -2.39 23.49 -7.77
CA GLN A 77 -1.89 23.53 -6.43
C GLN A 77 -0.86 22.44 -6.13
N ASN A 78 -1.03 21.26 -6.73
CA ASN A 78 -0.07 20.21 -6.40
C ASN A 78 1.25 20.43 -7.19
N PHE A 79 1.15 21.00 -8.38
CA PHE A 79 2.33 21.52 -9.13
C PHE A 79 3.06 22.59 -8.34
N GLN A 80 2.33 23.54 -7.74
CA GLN A 80 3.01 24.55 -6.90
C GLN A 80 3.71 23.96 -5.73
N LEU A 81 3.09 22.99 -5.06
CA LEU A 81 3.79 22.38 -3.96
C LEU A 81 5.06 21.65 -4.47
N ALA A 82 4.97 20.95 -5.61
CA ALA A 82 6.16 20.30 -6.17
C ALA A 82 7.29 21.29 -6.36
N LYS A 83 6.96 22.44 -6.93
CA LYS A 83 8.02 23.49 -7.15
C LYS A 83 8.59 24.02 -5.87
N GLN A 84 7.74 24.19 -4.86
CA GLN A 84 8.25 24.50 -3.52
C GLN A 84 9.16 23.42 -2.97
N ILE A 85 8.71 22.17 -3.05
CA ILE A 85 9.54 21.13 -2.48
C ILE A 85 10.90 21.13 -3.22
N GLN A 86 10.87 21.24 -4.52
CA GLN A 86 12.12 21.23 -5.29
C GLN A 86 13.07 22.37 -4.82
N SER A 87 12.52 23.58 -4.74
CA SER A 87 13.33 24.69 -4.38
C SER A 87 13.88 24.56 -2.96
N GLN A 88 13.10 23.99 -2.02
CA GLN A 88 13.63 23.77 -0.67
C GLN A 88 14.61 22.64 -0.51
N TRP A 89 14.38 21.54 -1.24
CA TRP A 89 15.43 20.50 -1.22
C TRP A 89 16.82 21.01 -1.74
N LYS A 90 16.80 21.81 -2.79
CA LYS A 90 17.97 22.57 -3.25
C LYS A 90 18.59 23.43 -2.15
N GLU A 91 17.82 24.30 -1.50
CA GLU A 91 18.30 25.09 -0.34
CA GLU A 91 18.40 25.08 -0.37
C GLU A 91 18.86 24.16 0.75
N PHE A 92 18.21 23.00 0.93
CA PHE A 92 18.64 22.12 1.99
C PHE A 92 20.03 21.48 1.75
N GLY A 93 20.51 21.55 0.52
CA GLY A 93 21.85 21.08 0.20
C GLY A 93 22.01 19.99 -0.86
N LEU A 94 20.91 19.45 -1.42
CA LEU A 94 21.05 18.29 -2.34
C LEU A 94 21.82 18.69 -3.56
N ASP A 95 22.54 17.76 -4.21
CA ASP A 95 23.31 18.09 -5.41
C ASP A 95 22.49 18.44 -6.59
N SER A 96 21.36 17.78 -6.77
CA SER A 96 20.48 18.18 -7.82
C SER A 96 19.05 17.81 -7.40
N VAL A 97 18.09 18.55 -7.94
CA VAL A 97 16.74 18.39 -7.64
C VAL A 97 15.96 18.74 -8.88
N GLU A 98 15.31 17.73 -9.44
CA GLU A 98 14.59 17.87 -10.72
C GLU A 98 13.15 17.43 -10.60
N LEU A 99 12.29 17.99 -11.45
CA LEU A 99 10.98 17.47 -11.64
C LEU A 99 10.96 16.47 -12.79
N ALA A 100 10.35 15.31 -12.57
CA ALA A 100 10.10 14.38 -13.68
C ALA A 100 8.59 14.33 -13.85
N HIS A 101 8.11 14.66 -15.02
CA HIS A 101 6.69 14.68 -15.28
C HIS A 101 6.28 13.63 -16.25
N TYR A 102 4.99 13.27 -16.27
CA TYR A 102 4.43 12.26 -17.13
C TYR A 102 3.02 12.68 -17.39
N ASP A 103 2.46 12.22 -18.48
CA ASP A 103 1.06 12.42 -18.77
C ASP A 103 0.29 11.14 -18.68
N VAL A 104 -0.47 11.04 -17.59
CA VAL A 104 -1.16 9.81 -17.19
C VAL A 104 -2.71 9.97 -17.12
N LEU A 105 -3.42 8.83 -17.21
CA LEU A 105 -4.86 8.81 -17.02
C LEU A 105 -5.25 9.08 -15.55
N LEU A 106 -5.96 10.21 -15.33
CA LEU A 106 -6.54 10.51 -14.04
C LEU A 106 -8.06 10.53 -14.23
N SER A 107 -8.77 10.88 -13.15
CA SER A 107 -10.20 10.80 -13.08
C SER A 107 -10.71 11.85 -12.11
N TYR A 108 -11.76 12.56 -12.52
CA TYR A 108 -12.31 13.65 -11.74
C TYR A 108 -13.82 13.74 -11.94
N PRO A 109 -14.52 14.20 -10.91
CA PRO A 109 -15.95 14.42 -11.11
C PRO A 109 -16.17 15.59 -12.05
N ASN A 110 -17.35 15.64 -12.63
CA ASN A 110 -17.80 16.80 -13.38
C ASN A 110 -18.34 17.88 -12.42
N LYS A 111 -17.60 18.96 -12.33
CA LYS A 111 -17.99 20.15 -11.55
C LYS A 111 -19.40 20.68 -11.78
N THR A 112 -19.95 20.54 -12.96
CA THR A 112 -21.30 21.04 -13.16
C THR A 112 -22.31 19.95 -13.33
N HIS A 113 -21.95 18.74 -13.00
CA HIS A 113 -22.89 17.67 -13.18
C HIS A 113 -22.61 16.60 -12.10
N PRO A 114 -23.01 16.89 -10.85
CA PRO A 114 -22.59 16.11 -9.67
C PRO A 114 -23.05 14.71 -9.57
N ASN A 115 -22.23 13.87 -8.95
CA ASN A 115 -22.55 12.45 -8.82
C ASN A 115 -23.43 12.30 -7.61
N TYR A 116 -24.41 11.40 -7.65
CA TYR A 116 -25.17 11.13 -6.42
C TYR A 116 -25.98 9.89 -6.68
N ILE A 117 -26.57 9.38 -5.62
CA ILE A 117 -27.40 8.21 -5.69
C ILE A 117 -28.79 8.57 -5.12
N SER A 118 -29.81 7.92 -5.67
CA SER A 118 -31.22 8.15 -5.33
C SER A 118 -31.94 6.88 -5.00
N ILE A 119 -32.91 7.00 -4.09
CA ILE A 119 -34.03 6.03 -4.09
C ILE A 119 -35.09 6.67 -4.97
N ILE A 120 -35.61 5.87 -5.87
CA ILE A 120 -36.51 6.38 -6.88
C ILE A 120 -37.77 5.54 -6.79
N ASN A 121 -38.94 6.17 -6.95
CA ASN A 121 -40.23 5.42 -6.85
C ASN A 121 -40.80 4.93 -8.17
N GLU A 122 -41.92 4.20 -8.08
CA GLU A 122 -42.63 3.66 -9.27
C GLU A 122 -42.85 4.69 -10.40
N ASP A 123 -42.96 5.97 -10.05
CA ASP A 123 -43.13 7.06 -11.03
C ASP A 123 -41.80 7.66 -11.49
N GLY A 124 -40.70 7.27 -10.87
CA GLY A 124 -39.45 7.89 -11.19
C GLY A 124 -39.21 9.18 -10.42
N ASN A 125 -39.93 9.41 -9.33
CA ASN A 125 -39.53 10.53 -8.48
C ASN A 125 -38.37 10.10 -7.57
N GLU A 126 -37.40 11.00 -7.47
CA GLU A 126 -36.25 10.79 -6.60
C GLU A 126 -36.62 11.28 -5.23
N ILE A 127 -36.97 10.33 -4.37
CA ILE A 127 -37.45 10.67 -3.03
C ILE A 127 -36.38 10.75 -1.96
N PHE A 128 -35.17 10.36 -2.35
CA PHE A 128 -34.01 10.52 -1.50
C PHE A 128 -32.73 10.59 -2.34
N ASN A 129 -31.91 11.57 -2.00
CA ASN A 129 -30.66 11.85 -2.61
C ASN A 129 -29.56 11.83 -1.59
N THR A 130 -28.48 11.08 -1.93
CA THR A 130 -27.25 11.13 -1.13
C THR A 130 -26.62 12.52 -1.26
N SER A 131 -25.79 12.88 -0.31
CA SER A 131 -25.09 14.16 -0.35
C SER A 131 -24.19 14.45 -1.56
N LEU A 132 -24.04 15.74 -1.87
CA LEU A 132 -23.17 16.16 -2.97
C LEU A 132 -21.75 16.53 -2.50
N PHE A 133 -21.53 16.67 -1.19
CA PHE A 133 -20.20 17.03 -0.68
C PHE A 133 -20.25 16.68 0.77
N GLU A 134 -19.09 16.48 1.43
CA GLU A 134 -18.99 16.39 2.88
C GLU A 134 -19.04 17.78 3.50
N PRO A 135 -19.76 17.95 4.65
CA PRO A 135 -19.71 19.20 5.40
C PRO A 135 -18.24 19.59 5.72
N PRO A 136 -17.76 20.72 5.20
CA PRO A 136 -16.39 21.01 5.41
C PRO A 136 -16.10 21.26 6.88
N PRO A 137 -14.87 20.92 7.32
CA PRO A 137 -14.56 21.12 8.70
C PRO A 137 -14.45 22.62 9.12
N PRO A 138 -14.45 22.88 10.45
CA PRO A 138 -14.41 24.25 10.98
C PRO A 138 -13.29 25.04 10.44
N GLY A 139 -13.60 26.20 9.89
CA GLY A 139 -12.52 27.06 9.44
C GLY A 139 -12.07 26.88 7.99
N TYR A 140 -12.52 25.79 7.36
CA TYR A 140 -12.21 25.41 5.94
C TYR A 140 -13.49 25.44 5.11
N GLU A 141 -14.58 25.93 5.69
CA GLU A 141 -15.86 25.95 4.98
C GLU A 141 -15.80 26.91 3.75
N ASN A 142 -14.76 27.72 3.64
CA ASN A 142 -14.51 28.56 2.45
C ASN A 142 -13.28 28.16 1.59
N VAL A 143 -12.72 27.00 1.86
CA VAL A 143 -11.71 26.50 0.98
C VAL A 143 -12.39 26.06 -0.33
N SER A 144 -11.75 26.49 -1.41
CA SER A 144 -12.16 26.10 -2.72
C SER A 144 -11.41 24.79 -3.14
N ASP A 145 -12.02 24.12 -4.10
CA ASP A 145 -11.37 23.07 -4.82
C ASP A 145 -11.30 21.83 -3.95
N ILE A 146 -12.26 21.64 -3.05
CA ILE A 146 -12.32 20.39 -2.32
C ILE A 146 -13.07 19.40 -3.21
N VAL A 147 -12.36 18.40 -3.73
CA VAL A 147 -12.99 17.46 -4.62
C VAL A 147 -14.03 16.71 -3.81
N PRO A 148 -15.29 16.69 -4.28
CA PRO A 148 -16.32 15.92 -3.58
C PRO A 148 -16.05 14.42 -3.58
N PRO A 149 -16.67 13.67 -2.67
CA PRO A 149 -16.42 12.22 -2.71
C PRO A 149 -16.82 11.57 -4.03
N PHE A 150 -15.92 10.72 -4.51
CA PHE A 150 -16.11 9.95 -5.70
C PHE A 150 -15.13 8.77 -5.71
N SER A 151 -15.43 7.79 -6.55
CA SER A 151 -14.59 6.65 -6.81
C SER A 151 -13.82 6.88 -8.12
N ALA A 152 -12.52 7.21 -8.01
CA ALA A 152 -11.74 7.49 -9.18
C ALA A 152 -11.76 6.36 -10.17
N PHE A 153 -12.00 6.71 -11.45
CA PHE A 153 -11.96 5.77 -12.59
C PHE A 153 -13.26 5.05 -12.87
N SER A 154 -14.26 5.32 -12.05
CA SER A 154 -15.60 4.78 -12.34
C SER A 154 -16.05 5.25 -13.70
N PRO A 155 -16.62 4.36 -14.50
CA PRO A 155 -17.23 4.82 -15.73
C PRO A 155 -18.57 5.56 -15.41
N GLN A 156 -19.06 6.28 -16.39
CA GLN A 156 -20.29 7.07 -16.29
C GLN A 156 -21.44 6.12 -16.47
N GLY A 157 -22.59 6.48 -15.91
CA GLY A 157 -23.78 5.64 -16.08
C GLY A 157 -24.86 6.10 -15.09
N MET A 158 -26.09 5.66 -15.36
CA MET A 158 -27.19 5.92 -14.46
C MET A 158 -27.97 4.64 -14.28
N PRO A 159 -27.28 3.55 -13.88
CA PRO A 159 -28.06 2.35 -13.65
C PRO A 159 -29.08 2.42 -12.46
N GLU A 160 -30.12 1.59 -12.57
CA GLU A 160 -31.27 1.60 -11.66
C GLU A 160 -31.66 0.18 -11.37
N GLY A 161 -31.89 -0.18 -10.14
CA GLY A 161 -32.15 -1.57 -9.87
C GLY A 161 -32.34 -1.83 -8.42
N ASP A 162 -32.38 -3.10 -8.05
CA ASP A 162 -32.58 -3.48 -6.66
C ASP A 162 -31.23 -3.74 -6.01
N LEU A 163 -31.14 -3.40 -4.74
CA LEU A 163 -29.93 -3.52 -4.01
C LEU A 163 -29.76 -4.93 -3.54
N VAL A 164 -28.51 -5.38 -3.54
CA VAL A 164 -28.08 -6.50 -2.72
C VAL A 164 -26.94 -6.03 -1.82
N TYR A 165 -26.95 -6.51 -0.58
CA TYR A 165 -25.97 -6.14 0.37
C TYR A 165 -24.98 -7.29 0.53
N VAL A 166 -23.69 -7.00 0.33
CA VAL A 166 -22.69 -8.05 0.16
C VAL A 166 -21.59 -7.97 1.20
N ASN A 167 -21.91 -7.44 2.38
CA ASN A 167 -20.93 -7.33 3.44
C ASN A 167 -19.70 -6.54 2.93
N TYR A 168 -18.48 -7.10 3.06
CA TYR A 168 -17.26 -6.38 2.62
C TYR A 168 -16.92 -6.63 1.16
N ALA A 169 -17.77 -7.40 0.48
CA ALA A 169 -17.57 -7.74 -0.89
C ALA A 169 -16.26 -8.49 -1.16
N ARG A 170 -15.78 -9.20 -0.14
CA ARG A 170 -14.74 -10.18 -0.30
C ARG A 170 -15.11 -11.37 -1.13
N THR A 171 -14.06 -12.02 -1.65
CA THR A 171 -14.25 -13.30 -2.33
C THR A 171 -15.18 -14.26 -1.53
N GLU A 172 -14.91 -14.41 -0.26
CA GLU A 172 -15.73 -15.30 0.56
C GLU A 172 -17.18 -14.81 0.81
N ASP A 173 -17.39 -13.48 0.78
CA ASP A 173 -18.74 -12.93 0.94
C ASP A 173 -19.53 -13.33 -0.30
N PHE A 174 -18.91 -13.27 -1.48
CA PHE A 174 -19.64 -13.66 -2.65
C PHE A 174 -19.88 -15.18 -2.77
N PHE A 175 -18.89 -15.97 -2.34
CA PHE A 175 -19.04 -17.41 -2.23
C PHE A 175 -20.30 -17.75 -1.35
N LYS A 176 -20.40 -17.15 -0.17
CA LYS A 176 -21.53 -17.34 0.76
C LYS A 176 -22.88 -17.01 0.09
N LEU A 177 -22.89 -15.86 -0.54
CA LEU A 177 -24.02 -15.35 -1.22
C LEU A 177 -24.46 -16.26 -2.35
N GLU A 178 -23.53 -16.61 -3.25
CA GLU A 178 -23.87 -17.42 -4.45
C GLU A 178 -24.03 -18.90 -4.13
N ARG A 179 -23.09 -19.45 -3.40
CA ARG A 179 -23.03 -20.89 -3.22
C ARG A 179 -23.96 -21.31 -2.15
N ASP A 180 -23.92 -20.63 -1.00
CA ASP A 180 -24.73 -21.05 0.12
C ASP A 180 -26.12 -20.42 0.13
N MET A 181 -26.25 -19.11 -0.09
CA MET A 181 -27.56 -18.50 0.03
C MET A 181 -28.32 -18.52 -1.27
N LYS A 182 -27.68 -18.88 -2.38
CA LYS A 182 -28.32 -18.87 -3.70
C LYS A 182 -28.85 -17.53 -4.09
N ILE A 183 -28.17 -16.46 -3.71
CA ILE A 183 -28.59 -15.14 -4.16
C ILE A 183 -27.79 -14.76 -5.37
N ASN A 184 -28.42 -14.26 -6.40
CA ASN A 184 -27.78 -13.98 -7.65
C ASN A 184 -27.68 -12.46 -7.79
N CYS A 185 -26.46 -11.92 -7.96
CA CYS A 185 -26.26 -10.47 -8.02
C CYS A 185 -26.34 -9.98 -9.43
N SER A 186 -26.53 -10.89 -10.35
CA SER A 186 -26.62 -10.47 -11.72
C SER A 186 -27.66 -9.38 -11.95
N GLY A 187 -27.31 -8.34 -12.71
CA GLY A 187 -28.15 -7.15 -12.85
C GLY A 187 -28.60 -6.39 -11.60
N LYS A 188 -28.02 -6.69 -10.43
CA LYS A 188 -28.33 -5.90 -9.23
C LYS A 188 -27.31 -4.79 -9.01
N ILE A 189 -27.69 -3.81 -8.18
CA ILE A 189 -26.76 -2.84 -7.64
C ILE A 189 -26.33 -3.40 -6.34
N VAL A 190 -25.00 -3.56 -6.10
CA VAL A 190 -24.60 -4.07 -4.81
C VAL A 190 -24.16 -2.92 -3.91
N ILE A 191 -24.38 -3.09 -2.63
CA ILE A 191 -23.89 -2.17 -1.68
C ILE A 191 -22.99 -2.92 -0.70
N ALA A 192 -21.81 -2.34 -0.49
CA ALA A 192 -20.80 -2.99 0.28
C ALA A 192 -20.20 -2.00 1.21
N ARG A 193 -19.86 -2.50 2.38
CA ARG A 193 -19.15 -1.74 3.34
C ARG A 193 -17.66 -1.81 3.12
N TYR A 194 -17.05 -0.65 3.30
CA TYR A 194 -15.62 -0.54 3.24
C TYR A 194 -15.02 -1.37 4.34
N GLY A 195 -13.75 -1.78 4.15
CA GLY A 195 -12.98 -2.48 5.18
C GLY A 195 -12.48 -3.82 4.71
N LYS A 196 -11.54 -4.37 5.45
CA LYS A 196 -10.98 -5.75 5.24
C LYS A 196 -10.09 -5.87 4.02
N VAL A 197 -10.56 -5.43 2.86
CA VAL A 197 -9.78 -5.47 1.66
C VAL A 197 -9.82 -4.19 0.84
N PHE A 198 -8.86 -4.09 -0.08
CA PHE A 198 -8.76 -2.95 -1.01
C PHE A 198 -10.05 -2.82 -1.82
N ARG A 199 -10.53 -1.58 -1.95
CA ARG A 199 -11.83 -1.36 -2.59
C ARG A 199 -11.86 -1.81 -4.07
N GLY A 200 -10.72 -1.79 -4.76
CA GLY A 200 -10.64 -2.24 -6.09
C GLY A 200 -10.99 -3.75 -6.21
N ASN A 201 -10.54 -4.53 -5.22
CA ASN A 201 -10.92 -5.90 -5.20
C ASN A 201 -12.44 -6.13 -5.05
N LYS A 202 -13.06 -5.36 -4.15
CA LYS A 202 -14.51 -5.40 -3.96
C LYS A 202 -15.19 -5.17 -5.31
N VAL A 203 -14.75 -4.13 -6.03
CA VAL A 203 -15.39 -3.81 -7.29
C VAL A 203 -15.20 -4.92 -8.32
N LYS A 204 -13.98 -5.45 -8.42
CA LYS A 204 -13.73 -6.61 -9.29
C LYS A 204 -14.65 -7.79 -8.95
N ASN A 205 -14.71 -8.12 -7.67
CA ASN A 205 -15.59 -9.21 -7.19
C ASN A 205 -17.05 -8.94 -7.62
N ALA A 206 -17.52 -7.72 -7.35
CA ALA A 206 -18.91 -7.35 -7.66
C ALA A 206 -19.15 -7.53 -9.17
N GLN A 207 -18.24 -7.02 -9.96
CA GLN A 207 -18.34 -7.09 -11.37
C GLN A 207 -18.33 -8.54 -11.84
N LEU A 208 -17.48 -9.40 -11.31
CA LEU A 208 -17.52 -10.78 -11.78
C LEU A 208 -18.78 -11.49 -11.32
N ALA A 209 -19.43 -11.04 -10.24
CA ALA A 209 -20.76 -11.59 -9.87
C ALA A 209 -21.93 -11.05 -10.72
N GLY A 210 -21.67 -10.19 -11.69
CA GLY A 210 -22.71 -9.61 -12.58
C GLY A 210 -23.44 -8.34 -12.12
N ALA A 211 -22.98 -7.71 -11.03
CA ALA A 211 -23.55 -6.46 -10.56
C ALA A 211 -23.52 -5.42 -11.65
N LYS A 212 -24.50 -4.51 -11.65
CA LYS A 212 -24.43 -3.42 -12.60
C LYS A 212 -24.03 -2.07 -11.97
N GLY A 213 -23.76 -2.08 -10.69
CA GLY A 213 -23.17 -0.91 -10.03
C GLY A 213 -22.82 -1.25 -8.62
N VAL A 214 -21.98 -0.44 -8.03
CA VAL A 214 -21.54 -0.70 -6.70
C VAL A 214 -21.59 0.59 -5.88
N ILE A 215 -22.07 0.45 -4.64
CA ILE A 215 -22.10 1.55 -3.71
C ILE A 215 -21.27 1.14 -2.54
N LEU A 216 -20.32 1.96 -2.16
CA LEU A 216 -19.44 1.68 -1.05
C LEU A 216 -19.80 2.58 0.09
N TYR A 217 -19.81 2.09 1.31
CA TYR A 217 -20.04 3.05 2.43
C TYR A 217 -19.25 2.70 3.60
N SER A 218 -19.07 3.66 4.49
CA SER A 218 -18.37 3.48 5.73
C SER A 218 -19.29 3.14 6.92
N ASP A 219 -19.20 1.90 7.40
CA ASP A 219 -19.99 1.48 8.56
C ASP A 219 -19.27 1.87 9.86
N PRO A 220 -20.01 2.45 10.85
CA PRO A 220 -19.36 2.76 12.09
C PRO A 220 -18.77 1.56 12.79
N ALA A 221 -19.25 0.36 12.49
CA ALA A 221 -18.55 -0.81 13.04
C ALA A 221 -17.08 -0.76 12.69
N ASP A 222 -16.73 -0.30 11.50
CA ASP A 222 -15.34 -0.30 11.00
C ASP A 222 -14.66 1.06 11.06
N TYR A 223 -15.43 2.15 11.16
CA TYR A 223 -14.81 3.47 11.15
C TYR A 223 -15.29 4.37 12.29
N PHE A 224 -15.87 3.80 13.35
CA PHE A 224 -16.23 4.65 14.53
C PHE A 224 -15.77 3.91 15.80
N ALA A 225 -14.68 4.35 16.38
CA ALA A 225 -14.16 3.73 17.58
C ALA A 225 -15.04 4.07 18.82
N PRO A 226 -15.45 3.05 19.59
CA PRO A 226 -16.28 3.27 20.78
C PRO A 226 -15.72 4.29 21.75
N GLY A 227 -16.59 5.20 22.21
CA GLY A 227 -16.17 6.13 23.26
C GLY A 227 -15.42 7.35 22.77
N VAL A 228 -15.28 7.50 21.46
CA VAL A 228 -14.47 8.62 20.94
C VAL A 228 -15.44 9.46 20.15
N LYS A 229 -15.26 10.76 20.14
CA LYS A 229 -16.18 11.62 19.37
C LYS A 229 -15.78 11.77 17.88
N SER A 230 -16.76 12.19 17.09
CA SER A 230 -16.61 12.54 15.72
C SER A 230 -15.78 13.78 15.59
N TYR A 231 -15.08 13.90 14.45
CA TYR A 231 -14.44 15.13 14.07
C TYR A 231 -15.44 16.31 14.10
N PRO A 232 -15.04 17.49 14.61
CA PRO A 232 -13.78 18.07 15.16
C PRO A 232 -13.49 17.89 16.62
N ASP A 233 -14.32 17.17 17.32
CA ASP A 233 -14.16 17.03 18.77
C ASP A 233 -13.47 15.72 19.12
N GLY A 234 -13.32 14.83 18.14
CA GLY A 234 -12.49 13.63 18.28
C GLY A 234 -11.98 13.15 16.93
N TRP A 235 -11.52 11.91 16.87
CA TRP A 235 -10.88 11.42 15.64
C TRP A 235 -11.76 10.42 14.91
N ASN A 236 -13.05 10.34 15.27
CA ASN A 236 -13.95 9.48 14.58
C ASN A 236 -14.51 10.08 13.32
N LEU A 237 -15.09 9.21 12.50
CA LEU A 237 -15.72 9.58 11.26
C LEU A 237 -17.16 10.01 11.55
N PRO A 238 -17.55 11.24 11.12
CA PRO A 238 -18.94 11.64 11.24
C PRO A 238 -19.81 10.97 10.19
N GLY A 239 -21.13 11.04 10.37
CA GLY A 239 -22.07 10.35 9.45
C GLY A 239 -22.13 10.88 8.06
N GLY A 240 -21.65 12.10 7.90
CA GLY A 240 -21.60 12.75 6.58
C GLY A 240 -20.17 12.62 5.95
N GLY A 241 -19.21 12.04 6.67
CA GLY A 241 -17.80 11.80 6.18
C GLY A 241 -17.82 10.71 5.12
N VAL A 242 -16.98 10.80 4.11
CA VAL A 242 -16.92 9.74 3.06
C VAL A 242 -15.42 9.50 2.69
N GLN A 243 -15.12 8.24 2.42
CA GLN A 243 -13.81 7.79 1.99
C GLN A 243 -13.74 7.83 0.50
N ARG A 244 -12.86 8.70 0.01
CA ARG A 244 -12.49 8.65 -1.41
C ARG A 244 -11.55 7.49 -1.68
N GLY A 245 -11.32 7.22 -2.96
CA GLY A 245 -10.22 6.34 -3.41
C GLY A 245 -10.46 5.68 -4.75
N ASN A 246 -9.38 5.35 -5.48
CA ASN A 246 -9.52 4.73 -6.75
C ASN A 246 -9.98 3.28 -6.58
N ILE A 247 -10.59 2.76 -7.63
CA ILE A 247 -11.12 1.44 -7.65
C ILE A 247 -10.54 0.63 -8.82
N LEU A 248 -9.33 0.94 -9.20
CA LEU A 248 -8.60 0.17 -10.22
C LEU A 248 -8.16 -1.22 -9.78
N ASN A 249 -7.92 -2.07 -10.77
CA ASN A 249 -7.17 -3.33 -10.60
C ASN A 249 -6.02 -3.31 -11.56
N LEU A 250 -4.99 -2.58 -11.21
CA LEU A 250 -3.86 -2.41 -12.11
C LEU A 250 -2.89 -3.57 -12.10
N ASN A 251 -2.83 -4.29 -10.98
CA ASN A 251 -1.82 -5.37 -10.79
C ASN A 251 -0.40 -4.90 -11.16
N GLY A 252 -0.06 -3.70 -10.74
CA GLY A 252 1.27 -3.17 -10.91
C GLY A 252 1.57 -2.41 -12.18
N ALA A 253 0.61 -2.25 -13.07
CA ALA A 253 0.86 -1.68 -14.38
C ALA A 253 1.28 -0.22 -14.41
N GLY A 254 0.85 0.56 -13.42
CA GLY A 254 0.97 2.01 -13.47
C GLY A 254 -0.12 2.66 -14.31
N ASP A 255 0.25 3.69 -15.07
CA ASP A 255 -0.69 4.38 -15.98
C ASP A 255 -1.44 3.37 -16.82
N PRO A 256 -2.76 3.40 -16.74
CA PRO A 256 -3.53 2.48 -17.45
C PRO A 256 -3.32 2.41 -18.94
N LEU A 257 -2.89 3.51 -19.54
CA LEU A 257 -2.69 3.58 -20.97
C LEU A 257 -1.30 3.20 -21.47
N THR A 258 -0.33 3.09 -20.60
CA THR A 258 1.09 2.89 -21.04
C THR A 258 1.86 1.75 -20.31
N PRO A 259 1.21 0.60 -20.09
CA PRO A 259 1.90 -0.45 -19.32
C PRO A 259 3.23 -0.87 -19.93
N GLY A 260 4.27 -0.84 -19.11
CA GLY A 260 5.59 -1.24 -19.54
C GLY A 260 6.57 -0.13 -19.81
N TYR A 261 6.04 1.06 -20.11
CA TYR A 261 6.86 2.11 -20.62
C TYR A 261 6.43 3.47 -20.00
N PRO A 262 7.35 4.42 -19.89
CA PRO A 262 6.94 5.65 -19.26
C PRO A 262 6.03 6.48 -20.13
N ALA A 263 5.07 7.11 -19.48
CA ALA A 263 4.10 7.99 -20.14
C ALA A 263 4.72 9.40 -20.47
N ASN A 264 5.70 9.39 -21.35
CA ASN A 264 6.49 10.56 -21.62
C ASN A 264 5.83 11.30 -22.79
N GLU A 265 6.52 12.24 -23.39
CA GLU A 265 5.90 13.11 -24.40
C GLU A 265 5.55 12.39 -25.68
N TYR A 266 6.23 11.29 -26.02
CA TYR A 266 5.97 10.65 -27.34
C TYR A 266 5.31 9.29 -27.16
N ALA A 267 4.81 9.02 -25.94
CA ALA A 267 4.28 7.72 -25.64
C ALA A 267 3.13 7.41 -26.51
N TYR A 268 3.03 6.14 -26.91
CA TYR A 268 1.89 5.68 -27.62
C TYR A 268 0.97 5.13 -26.57
N ARG A 269 -0.29 5.48 -26.62
CA ARG A 269 -1.22 5.14 -25.57
C ARG A 269 -2.23 4.18 -26.08
N ARG A 270 -2.60 3.22 -25.29
CA ARG A 270 -3.80 2.41 -25.62
C ARG A 270 -5.05 3.27 -25.69
N GLY A 271 -6.04 2.79 -26.45
CA GLY A 271 -7.39 3.32 -26.40
C GLY A 271 -7.99 2.90 -25.08
N ILE A 272 -8.94 3.68 -24.59
CA ILE A 272 -9.60 3.44 -23.31
C ILE A 272 -10.11 2.04 -23.27
N ALA A 273 -10.61 1.53 -24.37
CA ALA A 273 -11.20 0.19 -24.30
C ALA A 273 -10.18 -0.89 -23.98
N GLU A 274 -8.89 -0.68 -24.27
CA GLU A 274 -7.83 -1.67 -24.02
C GLU A 274 -6.97 -1.29 -22.77
N ALA A 275 -7.38 -0.26 -22.04
CA ALA A 275 -6.64 0.24 -20.91
C ALA A 275 -6.62 -0.78 -19.80
N VAL A 276 -5.59 -0.75 -18.96
CA VAL A 276 -5.47 -1.72 -17.89
C VAL A 276 -6.29 -1.28 -16.68
N GLY A 277 -7.12 -2.17 -16.18
CA GLY A 277 -7.56 -2.08 -14.78
C GLY A 277 -8.82 -1.27 -14.51
N LEU A 278 -9.46 -0.76 -15.55
CA LEU A 278 -10.64 0.10 -15.36
C LEU A 278 -11.84 -0.74 -15.04
N PRO A 279 -12.68 -0.29 -14.15
CA PRO A 279 -13.87 -1.00 -13.80
C PRO A 279 -14.91 -0.83 -14.92
N SER A 280 -15.80 -1.78 -15.03
CA SER A 280 -16.78 -1.68 -16.07
C SER A 280 -18.15 -1.28 -15.53
N ILE A 281 -18.34 -1.17 -14.25
CA ILE A 281 -19.64 -0.73 -13.71
C ILE A 281 -19.48 0.51 -12.84
N PRO A 282 -20.49 1.39 -12.84
CA PRO A 282 -20.35 2.60 -12.02
C PRO A 282 -20.23 2.32 -10.52
N VAL A 283 -19.48 3.19 -9.82
CA VAL A 283 -19.20 3.02 -8.40
C VAL A 283 -19.20 4.36 -7.67
N HIS A 284 -19.73 4.38 -6.44
CA HIS A 284 -19.76 5.61 -5.67
C HIS A 284 -19.73 5.33 -4.19
N PRO A 285 -19.02 6.17 -3.44
CA PRO A 285 -18.90 5.96 -2.04
C PRO A 285 -19.79 7.00 -1.27
N ILE A 286 -20.28 6.59 -0.11
CA ILE A 286 -21.16 7.36 0.75
C ILE A 286 -20.85 7.13 2.24
N GLY A 287 -21.39 8.03 3.07
CA GLY A 287 -21.25 7.97 4.50
C GLY A 287 -22.37 7.18 5.11
N TYR A 288 -22.28 6.93 6.42
CA TYR A 288 -23.26 6.09 7.09
C TYR A 288 -24.62 6.73 7.34
N TYR A 289 -24.70 8.08 7.34
CA TYR A 289 -26.04 8.75 7.34
C TYR A 289 -26.79 8.37 6.07
N ASP A 290 -26.15 8.53 4.93
CA ASP A 290 -26.77 8.11 3.66
C ASP A 290 -26.98 6.60 3.56
N ALA A 291 -26.01 5.84 4.04
CA ALA A 291 -26.07 4.39 3.87
C ALA A 291 -27.30 3.87 4.65
N GLN A 292 -27.49 4.44 5.82
CA GLN A 292 -28.68 4.08 6.64
C GLN A 292 -30.00 4.15 5.85
N LYS A 293 -30.17 5.23 5.12
CA LYS A 293 -31.32 5.45 4.31
C LYS A 293 -31.45 4.45 3.19
N LEU A 294 -30.33 3.95 2.68
CA LEU A 294 -30.37 2.96 1.61
C LEU A 294 -30.63 1.55 2.13
N LEU A 295 -30.15 1.30 3.32
CA LEU A 295 -30.23 -0.03 3.86
C LEU A 295 -31.53 -0.29 4.72
N GLU A 296 -32.10 0.76 5.29
CA GLU A 296 -33.19 0.58 6.27
C GLU A 296 -34.40 -0.12 5.63
N LYS A 297 -34.64 0.04 4.33
CA LYS A 297 -35.76 -0.62 3.70
C LYS A 297 -35.51 -2.00 3.13
N MET A 298 -34.32 -2.54 3.37
CA MET A 298 -33.92 -3.79 2.70
C MET A 298 -34.67 -5.03 3.17
N GLY A 299 -35.11 -5.80 2.18
CA GLY A 299 -35.81 -7.04 2.42
C GLY A 299 -35.09 -8.31 2.01
N GLY A 300 -35.85 -9.22 1.42
CA GLY A 300 -35.34 -10.57 1.08
C GLY A 300 -34.71 -11.22 2.27
N SER A 301 -33.67 -12.03 2.02
CA SER A 301 -33.07 -12.86 3.05
C SER A 301 -32.44 -12.10 4.16
N ALA A 302 -32.41 -12.69 5.33
CA ALA A 302 -31.74 -12.11 6.47
C ALA A 302 -30.20 -12.25 6.29
N PRO A 303 -29.41 -11.52 7.09
CA PRO A 303 -27.95 -11.76 7.02
C PRO A 303 -27.68 -13.19 7.48
N PRO A 304 -26.64 -13.83 6.99
CA PRO A 304 -26.50 -15.25 7.32
C PRO A 304 -25.92 -15.46 8.68
N ASP A 305 -25.28 -14.43 9.22
CA ASP A 305 -24.76 -14.49 10.54
C ASP A 305 -24.27 -13.09 11.00
N SER A 306 -23.85 -12.99 12.24
CA SER A 306 -23.55 -11.69 12.81
C SER A 306 -22.30 -11.03 12.22
N SER A 307 -21.43 -11.77 11.53
CA SER A 307 -20.24 -11.17 10.92
C SER A 307 -20.63 -10.33 9.71
N TRP A 308 -21.90 -10.42 9.29
CA TRP A 308 -22.51 -9.61 8.23
C TRP A 308 -23.22 -8.35 8.69
N ARG A 309 -23.30 -8.16 10.01
CA ARG A 309 -24.01 -7.05 10.63
C ARG A 309 -23.05 -6.01 11.14
N GLY A 310 -23.22 -4.78 10.68
CA GLY A 310 -22.50 -3.64 11.21
C GLY A 310 -23.25 -3.05 12.39
N SER A 311 -23.10 -1.77 12.64
CA SER A 311 -23.56 -1.12 13.84
C SER A 311 -24.68 -0.19 13.58
N LEU A 312 -25.21 -0.10 12.39
CA LEU A 312 -26.31 0.82 12.17
C LEU A 312 -27.60 0.13 12.62
N LYS A 313 -28.63 0.91 12.81
CA LYS A 313 -29.86 0.38 13.37
C LYS A 313 -30.74 -0.08 12.23
N VAL A 314 -30.31 -1.14 11.55
CA VAL A 314 -30.99 -1.68 10.35
C VAL A 314 -30.81 -3.19 10.44
N PRO A 315 -31.64 -3.95 9.72
CA PRO A 315 -31.50 -5.39 9.84
C PRO A 315 -30.24 -6.00 9.13
N TYR A 316 -29.69 -5.31 8.12
CA TYR A 316 -28.58 -5.86 7.31
C TYR A 316 -29.07 -7.06 6.53
N ASN A 317 -30.31 -6.94 6.03
CA ASN A 317 -30.80 -7.90 5.10
C ASN A 317 -30.03 -7.77 3.79
N VAL A 318 -29.87 -8.92 3.18
CA VAL A 318 -29.11 -9.10 1.97
C VAL A 318 -29.91 -8.72 0.73
N GLY A 319 -31.23 -8.85 0.78
CA GLY A 319 -32.06 -8.45 -0.34
C GLY A 319 -32.29 -9.70 -1.11
N PRO A 320 -32.46 -9.60 -2.41
CA PRO A 320 -32.40 -8.40 -3.23
C PRO A 320 -33.58 -7.50 -2.98
N GLY A 321 -33.42 -6.20 -3.19
CA GLY A 321 -34.57 -5.29 -3.08
C GLY A 321 -35.12 -5.02 -1.67
N PHE A 322 -36.14 -4.18 -1.68
CA PHE A 322 -36.74 -3.65 -0.46
C PHE A 322 -37.92 -4.50 0.02
N THR A 323 -38.23 -4.38 1.29
CA THR A 323 -39.42 -5.05 1.87
C THR A 323 -40.76 -4.59 1.23
N GLY A 324 -41.76 -5.44 1.43
CA GLY A 324 -43.06 -5.35 0.78
C GLY A 324 -43.61 -4.02 0.39
N ASN A 325 -43.74 -3.09 1.34
CA ASN A 325 -44.39 -1.78 1.06
C ASN A 325 -43.66 -0.99 0.02
N PHE A 326 -42.34 -1.18 -0.01
CA PHE A 326 -41.44 -0.35 -0.80
C PHE A 326 -40.85 -1.11 -1.97
N SER A 327 -41.31 -2.33 -2.16
CA SER A 327 -40.71 -3.23 -3.09
C SER A 327 -40.72 -2.71 -4.48
N THR A 328 -41.44 -1.64 -4.73
CA THR A 328 -41.50 -1.04 -6.06
C THR A 328 -40.53 0.08 -6.17
N GLN A 329 -39.99 0.53 -5.05
CA GLN A 329 -38.92 1.53 -5.11
C GLN A 329 -37.64 0.86 -5.65
N LYS A 330 -36.80 1.63 -6.32
CA LYS A 330 -35.50 1.16 -6.80
C LYS A 330 -34.38 2.11 -6.35
N VAL A 331 -33.10 1.71 -6.57
CA VAL A 331 -31.94 2.61 -6.34
C VAL A 331 -31.38 3.04 -7.69
N LYS A 332 -31.00 4.29 -7.80
CA LYS A 332 -30.53 4.79 -9.06
C LYS A 332 -29.25 5.57 -8.81
N MET A 333 -28.20 5.23 -9.54
CA MET A 333 -26.94 5.94 -9.36
C MET A 333 -26.84 7.00 -10.48
N HIS A 334 -26.13 8.10 -10.24
CA HIS A 334 -25.81 9.03 -11.31
C HIS A 334 -24.32 9.39 -11.29
N ILE A 335 -23.60 8.84 -12.26
CA ILE A 335 -22.13 9.02 -12.28
C ILE A 335 -21.73 9.61 -13.60
N HIS A 336 -21.04 10.75 -13.52
CA HIS A 336 -20.65 11.55 -14.67
C HIS A 336 -19.17 11.95 -14.66
N SER A 337 -18.39 11.33 -13.77
CA SER A 337 -16.91 11.51 -13.73
C SER A 337 -16.30 11.20 -15.10
N THR A 338 -15.20 11.87 -15.42
CA THR A 338 -14.43 11.63 -16.64
C THR A 338 -12.98 11.29 -16.39
N ASN A 339 -12.49 10.38 -17.18
CA ASN A 339 -11.13 9.99 -17.16
C ASN A 339 -10.42 10.93 -18.10
N GLU A 340 -9.32 11.49 -17.71
CA GLU A 340 -8.53 12.25 -18.65
C GLU A 340 -7.04 12.27 -18.40
N VAL A 341 -6.30 12.42 -19.47
CA VAL A 341 -4.87 12.38 -19.41
C VAL A 341 -4.38 13.71 -18.86
N THR A 342 -3.59 13.69 -17.81
CA THR A 342 -3.26 14.86 -17.06
C THR A 342 -1.80 14.75 -16.67
N ARG A 343 -1.11 15.89 -16.65
CA ARG A 343 0.32 15.87 -16.29
C ARG A 343 0.50 15.79 -14.78
N ILE A 344 1.49 15.01 -14.36
CA ILE A 344 1.81 14.82 -12.97
C ILE A 344 3.30 15.05 -12.83
N TYR A 345 3.74 15.33 -11.62
CA TYR A 345 5.12 15.75 -11.36
C TYR A 345 5.73 15.09 -10.16
N ASN A 346 6.81 14.34 -10.36
CA ASN A 346 7.58 13.85 -9.23
C ASN A 346 8.75 14.78 -8.98
N VAL A 347 9.14 14.92 -7.74
CA VAL A 347 10.36 15.64 -7.42
C VAL A 347 11.39 14.56 -7.03
N ILE A 348 12.54 14.64 -7.70
CA ILE A 348 13.66 13.71 -7.59
C ILE A 348 14.90 14.44 -7.14
N GLY A 349 15.32 14.20 -5.90
CA GLY A 349 16.50 14.81 -5.32
C GLY A 349 17.63 13.81 -5.20
N THR A 350 18.85 14.27 -5.49
CA THR A 350 20.04 13.42 -5.43
C THR A 350 21.07 13.93 -4.47
N LEU A 351 21.51 13.05 -3.59
CA LEU A 351 22.72 13.32 -2.82
C LEU A 351 23.81 12.31 -3.23
N ARG A 352 24.74 12.75 -4.05
CA ARG A 352 25.78 11.88 -4.61
C ARG A 352 26.67 11.24 -3.53
N GLY A 353 26.85 9.92 -3.64
CA GLY A 353 27.73 9.15 -2.76
C GLY A 353 29.21 9.44 -3.04
N ALA A 354 30.00 9.39 -1.99
CA ALA A 354 31.41 9.73 -2.08
C ALA A 354 32.21 8.57 -2.67
N VAL A 355 31.87 7.33 -2.29
CA VAL A 355 32.60 6.13 -2.69
C VAL A 355 31.89 5.28 -3.78
N GLU A 356 30.58 5.03 -3.63
CA GLU A 356 29.79 4.22 -4.59
C GLU A 356 28.60 5.05 -5.06
N PRO A 357 28.88 6.07 -5.83
CA PRO A 357 27.85 6.93 -6.38
C PRO A 357 26.85 6.22 -7.32
N ASP A 358 27.28 5.08 -7.84
CA ASP A 358 26.50 4.22 -8.71
C ASP A 358 25.72 3.16 -7.94
N ARG A 359 25.48 3.39 -6.63
CA ARG A 359 24.60 2.58 -5.82
C ARG A 359 23.59 3.53 -5.15
N TYR A 360 22.30 3.18 -5.26
CA TYR A 360 21.17 4.06 -4.95
C TYR A 360 20.36 3.48 -3.84
N VAL A 361 20.25 4.29 -2.78
CA VAL A 361 19.32 4.09 -1.69
C VAL A 361 18.26 5.18 -1.83
N ILE A 362 17.01 4.74 -1.92
CA ILE A 362 15.92 5.57 -2.25
C ILE A 362 14.99 5.75 -1.07
N LEU A 363 14.71 6.99 -0.78
CA LEU A 363 13.66 7.31 0.21
C LEU A 363 12.55 7.99 -0.53
N GLY A 364 11.40 7.36 -0.59
CA GLY A 364 10.34 7.88 -1.41
C GLY A 364 8.97 7.85 -0.75
N GLY A 365 8.16 8.88 -1.04
CA GLY A 365 6.76 8.92 -0.59
C GLY A 365 5.99 9.96 -1.38
N HIS A 366 4.68 9.80 -1.46
CA HIS A 366 3.88 10.68 -2.28
C HIS A 366 3.50 12.00 -1.56
N ARG A 367 3.13 12.94 -2.41
CA ARG A 367 2.82 14.32 -2.14
C ARG A 367 1.34 14.66 -2.45
N ASP A 368 0.79 14.03 -3.50
CA ASP A 368 -0.61 14.19 -3.82
C ASP A 368 -1.53 13.68 -2.72
N SER A 369 -2.64 14.40 -2.51
CA SER A 369 -3.61 14.06 -1.48
C SER A 369 -5.04 14.05 -2.07
N TRP A 370 -5.98 13.41 -1.38
CA TRP A 370 -7.36 13.49 -1.85
C TRP A 370 -7.93 14.89 -1.53
N VAL A 371 -7.64 15.37 -0.33
CA VAL A 371 -7.93 16.75 0.04
C VAL A 371 -6.74 17.37 0.72
N PHE A 372 -6.82 17.59 2.04
CA PHE A 372 -5.73 18.30 2.74
C PHE A 372 -4.56 17.37 3.08
N GLY A 373 -4.85 16.06 3.14
CA GLY A 373 -3.81 15.06 3.39
C GLY A 373 -3.08 15.20 4.69
N GLY A 374 -3.83 15.53 5.74
CA GLY A 374 -3.19 15.79 7.01
C GLY A 374 -2.42 14.60 7.57
N ILE A 375 -2.98 13.39 7.41
CA ILE A 375 -2.27 12.16 7.69
C ILE A 375 -1.65 11.61 6.40
N ASP A 376 -2.51 11.39 5.45
CA ASP A 376 -2.17 10.80 4.21
C ASP A 376 -2.10 11.78 3.04
N PRO A 377 -0.91 12.18 2.55
CA PRO A 377 0.44 11.70 2.87
C PRO A 377 1.26 12.64 3.67
N GLN A 378 0.72 13.83 4.04
CA GLN A 378 1.65 14.89 4.46
C GLN A 378 2.35 14.61 5.76
N SER A 379 1.78 13.76 6.58
CA SER A 379 2.53 13.38 7.79
C SER A 379 3.83 12.59 7.46
N GLY A 380 3.82 11.85 6.35
CA GLY A 380 5.04 11.19 5.78
C GLY A 380 5.97 12.15 5.04
N ALA A 381 5.38 12.96 4.17
CA ALA A 381 6.13 13.95 3.45
C ALA A 381 6.88 14.97 4.31
N ALA A 382 6.32 15.32 5.47
CA ALA A 382 6.96 16.32 6.36
C ALA A 382 8.17 15.68 7.01
N VAL A 383 8.03 14.40 7.31
CA VAL A 383 9.11 13.55 7.79
C VAL A 383 10.24 13.44 6.75
N VAL A 384 9.89 13.14 5.51
CA VAL A 384 10.90 13.11 4.47
C VAL A 384 11.62 14.47 4.38
N HIS A 385 10.85 15.57 4.36
CA HIS A 385 11.40 16.95 4.26
C HIS A 385 12.45 17.23 5.31
N GLU A 386 12.16 16.85 6.51
CA GLU A 386 13.12 17.01 7.60
C GLU A 386 14.29 16.04 7.53
N ILE A 387 14.04 14.81 7.07
CA ILE A 387 15.17 13.92 6.73
C ILE A 387 16.10 14.54 5.74
N VAL A 388 15.56 15.12 4.68
CA VAL A 388 16.37 15.78 3.66
C VAL A 388 17.19 16.90 4.25
N ARG A 389 16.53 17.74 5.07
CA ARG A 389 17.19 18.87 5.72
C ARG A 389 18.38 18.41 6.57
N SER A 390 18.21 17.32 7.34
CA SER A 390 19.25 16.82 8.22
C SER A 390 20.45 16.31 7.39
N PHE A 391 20.15 15.56 6.30
CA PHE A 391 21.24 14.98 5.51
C PHE A 391 21.91 16.16 4.89
N GLY A 392 21.13 17.18 4.51
CA GLY A 392 21.64 18.41 3.90
C GLY A 392 22.57 19.21 4.86
N THR A 393 22.27 19.12 6.15
CA THR A 393 23.07 19.81 7.14
C THR A 393 24.46 19.14 7.16
N LEU A 394 24.51 17.82 7.32
CA LEU A 394 25.78 17.11 7.31
C LEU A 394 26.56 17.41 6.04
N LYS A 395 25.89 17.45 4.92
CA LYS A 395 26.57 17.68 3.67
C LYS A 395 27.23 19.05 3.58
N LYS A 396 26.53 20.09 4.03
CA LYS A 396 27.09 21.45 4.10
C LYS A 396 28.33 21.56 4.96
N GLU A 397 28.46 20.72 5.94
CA GLU A 397 29.71 20.57 6.71
C GLU A 397 30.73 19.61 6.11
N GLY A 398 30.54 19.22 4.84
CA GLY A 398 31.51 18.45 4.08
C GLY A 398 31.35 16.94 4.07
N TRP A 399 30.28 16.42 4.65
CA TRP A 399 30.06 15.01 4.65
C TRP A 399 29.29 14.63 3.36
N ARG A 400 29.50 13.38 2.94
CA ARG A 400 28.74 12.74 1.85
C ARG A 400 28.54 11.33 2.28
N PRO A 401 27.35 10.76 1.99
CA PRO A 401 27.19 9.35 2.34
C PRO A 401 28.09 8.47 1.44
N ARG A 402 28.38 7.24 1.85
CA ARG A 402 29.14 6.33 0.97
C ARG A 402 28.44 6.09 -0.39
N ARG A 403 27.20 5.63 -0.32
CA ARG A 403 26.36 5.46 -1.57
C ARG A 403 25.46 6.65 -1.84
N THR A 404 25.00 6.79 -3.09
CA THR A 404 24.04 7.76 -3.46
C THR A 404 22.66 7.51 -2.77
N ILE A 405 22.04 8.62 -2.29
CA ILE A 405 20.69 8.66 -1.73
C ILE A 405 19.84 9.45 -2.70
N LEU A 406 18.75 8.84 -3.12
CA LEU A 406 17.76 9.52 -3.94
C LEU A 406 16.52 9.75 -3.05
N PHE A 407 15.99 10.96 -3.18
CA PHE A 407 14.80 11.32 -2.39
C PHE A 407 13.71 11.65 -3.40
N ALA A 408 12.51 11.10 -3.17
CA ALA A 408 11.44 11.31 -4.09
C ALA A 408 10.13 11.79 -3.43
N SER A 409 9.50 12.75 -4.08
CA SER A 409 8.15 13.22 -3.77
C SER A 409 7.29 12.79 -4.95
N TRP A 410 6.61 11.66 -4.80
CA TRP A 410 5.84 11.08 -5.89
C TRP A 410 4.48 11.77 -6.02
N ASP A 411 3.98 11.79 -7.27
CA ASP A 411 2.72 12.33 -7.57
C ASP A 411 1.78 11.17 -7.94
N ALA A 412 0.51 11.49 -7.88
CA ALA A 412 -0.59 10.58 -8.27
C ALA A 412 -0.56 9.20 -7.66
N GLU A 413 -0.04 9.09 -6.47
CA GLU A 413 -0.10 7.77 -5.81
C GLU A 413 -1.55 7.38 -5.62
N GLU A 414 -2.39 8.36 -5.28
CA GLU A 414 -3.81 8.06 -5.01
C GLU A 414 -4.60 7.54 -6.14
N PHE A 415 -4.11 7.74 -7.37
CA PHE A 415 -4.78 7.29 -8.56
C PHE A 415 -4.14 6.02 -9.14
N GLY A 416 -3.33 5.35 -8.34
CA GLY A 416 -2.81 4.02 -8.69
C GLY A 416 -1.32 3.85 -8.66
N LEU A 417 -0.63 4.59 -7.80
CA LEU A 417 0.80 4.49 -7.73
C LEU A 417 1.46 4.96 -9.05
N LEU A 418 0.86 5.94 -9.67
CA LEU A 418 1.26 6.27 -11.01
C LEU A 418 2.63 6.97 -11.18
N GLY A 419 2.92 7.97 -10.37
CA GLY A 419 4.18 8.68 -10.42
C GLY A 419 5.40 7.81 -10.16
N SER A 420 5.34 7.04 -9.09
CA SER A 420 6.38 6.11 -8.77
C SER A 420 6.60 5.09 -9.91
N THR A 421 5.51 4.54 -10.39
CA THR A 421 5.55 3.49 -11.37
C THR A 421 6.11 4.00 -12.69
N GLU A 422 5.66 5.15 -13.17
CA GLU A 422 6.17 5.70 -14.42
C GLU A 422 7.64 6.04 -14.34
N TRP A 423 8.05 6.62 -13.22
CA TRP A 423 9.45 6.98 -13.03
C TRP A 423 10.30 5.70 -13.05
N ALA A 424 9.83 4.68 -12.34
CA ALA A 424 10.56 3.44 -12.34
C ALA A 424 10.56 2.74 -13.71
N GLU A 425 9.48 2.83 -14.50
CA GLU A 425 9.51 2.32 -15.83
C GLU A 425 10.52 3.08 -16.66
N GLU A 426 10.63 4.39 -16.42
CA GLU A 426 11.57 5.13 -17.18
C GLU A 426 13.00 4.74 -16.82
N ASN A 427 13.26 4.50 -15.56
CA ASN A 427 14.61 4.34 -15.09
C ASN A 427 14.94 2.88 -14.69
N SER A 428 14.17 1.94 -15.21
CA SER A 428 14.23 0.57 -14.77
C SER A 428 15.62 -0.08 -14.92
N ARG A 429 16.33 0.24 -16.02
CA ARG A 429 17.72 -0.28 -16.19
C ARG A 429 18.69 0.22 -15.08
N LEU A 430 18.61 1.50 -14.73
CA LEU A 430 19.43 2.04 -13.66
C LEU A 430 19.08 1.40 -12.36
N LEU A 431 17.77 1.29 -12.09
CA LEU A 431 17.32 0.71 -10.83
C LEU A 431 17.63 -0.76 -10.63
N GLN A 432 17.52 -1.51 -11.70
CA GLN A 432 17.76 -2.96 -11.56
CA GLN A 432 17.84 -2.95 -11.78
C GLN A 432 19.27 -3.22 -11.35
N GLU A 433 20.15 -2.44 -11.97
CA GLU A 433 21.57 -2.75 -11.78
C GLU A 433 22.23 -1.98 -10.62
N ARG A 434 21.59 -0.90 -10.14
CA ARG A 434 22.23 -0.02 -9.13
C ARG A 434 21.40 0.11 -7.83
N GLY A 435 20.19 -0.42 -7.79
CA GLY A 435 19.28 -0.11 -6.69
C GLY A 435 19.52 -0.98 -5.49
N VAL A 436 19.98 -0.38 -4.40
CA VAL A 436 20.19 -1.12 -3.19
C VAL A 436 18.93 -1.40 -2.41
N ALA A 437 18.14 -0.34 -2.20
CA ALA A 437 17.03 -0.43 -1.31
C ALA A 437 16.10 0.72 -1.50
N TYR A 438 14.84 0.45 -1.17
CA TYR A 438 13.77 1.49 -1.24
C TYR A 438 13.04 1.54 0.13
N ILE A 439 13.00 2.73 0.74
CA ILE A 439 12.30 2.96 1.98
C ILE A 439 11.13 3.93 1.63
N ASN A 440 9.91 3.44 1.91
CA ASN A 440 8.72 4.20 1.60
C ASN A 440 8.47 5.21 2.74
N ALA A 441 7.68 6.25 2.44
CA ALA A 441 7.48 7.34 3.41
C ALA A 441 6.12 8.00 3.18
N ASP A 442 5.08 7.20 3.21
CA ASP A 442 3.75 7.71 3.30
C ASP A 442 3.43 8.00 4.78
N SER A 443 2.13 8.02 5.12
CA SER A 443 1.68 8.38 6.49
C SER A 443 2.64 7.88 7.60
N SER A 444 3.10 8.81 8.43
CA SER A 444 3.98 8.49 9.57
C SER A 444 3.23 7.93 10.75
N ILE A 445 1.92 8.23 10.83
CA ILE A 445 1.10 7.77 11.94
C ILE A 445 -0.23 7.28 11.45
N GLU A 446 -0.78 6.24 12.06
CA GLU A 446 -2.21 5.92 11.84
C GLU A 446 -2.78 5.58 13.25
N GLY A 447 -2.06 5.99 14.30
CA GLY A 447 -2.33 5.61 15.67
C GLY A 447 -1.19 6.12 16.52
N ASN A 448 -1.27 5.91 17.81
CA ASN A 448 -0.23 6.44 18.71
C ASN A 448 0.23 5.37 19.68
N TYR A 449 -0.05 4.12 19.35
CA TYR A 449 0.21 3.01 20.25
C TYR A 449 1.65 2.40 20.12
N THR A 450 2.05 1.99 18.90
CA THR A 450 3.40 1.41 18.71
C THR A 450 3.87 1.48 17.24
N LEU A 451 5.10 1.06 17.03
CA LEU A 451 5.65 0.94 15.69
C LEU A 451 5.11 -0.21 14.92
N ARG A 452 5.03 0.02 13.62
CA ARG A 452 4.58 -0.97 12.65
C ARG A 452 5.67 -0.97 11.55
N VAL A 453 6.24 -2.14 11.24
CA VAL A 453 7.23 -2.28 10.15
C VAL A 453 6.79 -3.42 9.25
N ASP A 454 6.77 -3.17 7.94
CA ASP A 454 6.67 -4.19 6.93
C ASP A 454 7.90 -4.03 6.02
N CYS A 455 8.60 -5.13 5.78
CA CYS A 455 9.79 -5.10 4.97
C CYS A 455 10.19 -6.49 4.52
N THR A 456 11.15 -6.51 3.60
CA THR A 456 11.81 -7.72 3.24
C THR A 456 12.58 -8.31 4.38
N PRO A 457 12.68 -9.64 4.42
CA PRO A 457 13.49 -10.29 5.46
C PRO A 457 14.90 -9.76 5.49
N LEU A 458 15.40 -9.30 4.35
CA LEU A 458 16.78 -8.82 4.29
C LEU A 458 17.05 -7.62 5.19
N MET A 459 16.00 -6.94 5.61
CA MET A 459 16.16 -5.77 6.48
C MET A 459 15.75 -6.04 7.95
N TYR A 460 15.39 -7.27 8.28
CA TYR A 460 14.89 -7.58 9.61
C TYR A 460 15.94 -7.25 10.69
N SER A 461 17.17 -7.69 10.46
CA SER A 461 18.28 -7.37 11.36
C SER A 461 18.64 -5.91 11.47
N LEU A 462 18.74 -5.21 10.36
CA LEU A 462 18.92 -3.80 10.35
C LEU A 462 17.88 -3.06 11.24
N VAL A 463 16.62 -3.46 11.11
CA VAL A 463 15.50 -2.84 11.83
C VAL A 463 15.60 -3.13 13.34
N HIS A 464 15.84 -4.40 13.66
CA HIS A 464 16.08 -4.79 15.06
C HIS A 464 17.21 -3.99 15.67
N ASN A 465 18.33 -3.88 14.96
CA ASN A 465 19.48 -3.18 15.52
C ASN A 465 19.29 -1.67 15.69
N LEU A 466 18.67 -1.05 14.68
CA LEU A 466 18.45 0.34 14.71
C LEU A 466 17.49 0.71 15.84
N THR A 467 16.44 -0.04 16.01
CA THR A 467 15.46 0.21 17.03
C THR A 467 15.97 0.06 18.49
N LYS A 468 16.93 -0.82 18.72
CA LYS A 468 17.60 -0.96 20.03
C LYS A 468 18.39 0.25 20.34
N GLU A 469 18.77 1.04 19.36
CA GLU A 469 19.57 2.22 19.62
C GLU A 469 18.67 3.44 19.67
N LEU A 470 17.38 3.31 19.41
CA LEU A 470 16.48 4.47 19.49
C LEU A 470 15.67 4.47 20.78
N LYS A 471 15.34 5.68 21.18
CA LYS A 471 14.59 5.93 22.43
C LYS A 471 13.12 5.71 22.19
N SER A 472 12.44 4.99 23.05
CA SER A 472 11.02 4.86 22.92
C SER A 472 10.33 6.22 23.22
N PRO A 473 9.38 6.67 22.38
CA PRO A 473 8.64 7.86 22.77
C PRO A 473 7.42 7.48 23.60
N ASP A 474 7.20 6.20 23.95
CA ASP A 474 5.94 5.81 24.57
C ASP A 474 5.85 6.10 26.09
N GLU A 475 4.65 6.48 26.53
CA GLU A 475 4.34 6.68 27.93
C GLU A 475 4.63 5.39 28.62
N GLY A 476 5.38 5.47 29.70
CA GLY A 476 5.66 4.27 30.48
C GLY A 476 6.91 3.55 30.01
N PHE A 477 7.66 4.14 29.07
CA PHE A 477 8.88 3.53 28.54
C PHE A 477 9.94 4.59 28.38
N GLU A 478 9.84 5.62 29.23
CA GLU A 478 10.86 6.67 29.27
C GLU A 478 12.22 6.01 29.57
N GLY A 479 13.27 6.46 28.92
CA GLY A 479 14.57 5.79 29.10
C GLY A 479 14.73 4.35 28.59
N LYS A 480 13.69 3.73 28.04
CA LYS A 480 13.79 2.44 27.38
C LYS A 480 13.95 2.61 25.86
N SER A 481 14.32 1.52 25.16
CA SER A 481 14.63 1.58 23.72
C SER A 481 13.31 1.44 22.96
N LEU A 482 13.27 1.97 21.76
CA LEU A 482 12.12 1.65 20.85
C LEU A 482 11.89 0.14 20.69
N TYR A 483 12.98 -0.62 20.55
CA TYR A 483 12.84 -2.08 20.39
C TYR A 483 12.06 -2.68 21.54
N GLU A 484 12.41 -2.20 22.73
CA GLU A 484 11.77 -2.75 23.94
C GLU A 484 10.26 -2.49 23.93
N SER A 485 9.85 -1.27 23.63
CA SER A 485 8.43 -0.95 23.74
C SER A 485 7.65 -1.62 22.59
N TRP A 486 8.26 -1.57 21.38
CA TRP A 486 7.66 -2.19 20.22
C TRP A 486 7.51 -3.70 20.48
N THR A 487 8.58 -4.30 20.98
CA THR A 487 8.49 -5.75 21.23
C THR A 487 7.47 -6.07 22.29
N LYS A 488 7.44 -5.25 23.34
CA LYS A 488 6.41 -5.46 24.34
C LYS A 488 5.01 -5.36 23.78
N LYS A 489 4.72 -4.31 23.01
CA LYS A 489 3.34 -4.08 22.55
C LYS A 489 2.97 -4.84 21.30
N SER A 490 3.96 -5.20 20.48
CA SER A 490 3.62 -5.97 19.28
C SER A 490 4.54 -7.22 19.10
N PRO A 491 4.31 -8.28 19.91
CA PRO A 491 5.24 -9.40 19.90
C PRO A 491 5.10 -10.20 18.64
N SER A 492 6.19 -10.70 18.10
CA SER A 492 6.02 -11.57 16.92
C SER A 492 5.28 -12.82 17.35
N PRO A 493 4.45 -13.40 16.46
CA PRO A 493 3.91 -14.73 16.77
C PRO A 493 5.01 -15.80 16.87
N GLU A 494 6.02 -15.69 16.02
CA GLU A 494 7.08 -16.71 15.93
C GLU A 494 8.06 -16.77 17.14
N PHE A 495 8.58 -15.65 17.65
CA PHE A 495 9.72 -15.71 18.61
C PHE A 495 9.64 -14.83 19.87
N SER A 496 9.94 -15.43 21.01
CA SER A 496 9.96 -14.69 22.26
C SER A 496 11.04 -13.62 22.15
N GLY A 497 10.72 -12.40 22.57
CA GLY A 497 11.70 -11.32 22.79
C GLY A 497 12.01 -10.58 21.50
N MET A 498 11.17 -10.81 20.48
CA MET A 498 11.25 -10.13 19.15
C MET A 498 9.92 -9.48 18.72
N PRO A 499 9.97 -8.42 17.92
CA PRO A 499 8.73 -7.77 17.48
C PRO A 499 8.16 -8.34 16.21
N ARG A 500 6.87 -8.17 16.02
CA ARG A 500 6.21 -8.46 14.75
C ARG A 500 6.74 -7.55 13.60
N ILE A 501 7.12 -8.19 12.50
CA ILE A 501 7.43 -7.47 11.26
C ILE A 501 6.69 -8.20 10.16
N SER A 502 5.91 -7.48 9.39
CA SER A 502 5.02 -8.08 8.49
C SER A 502 5.62 -8.05 7.11
N LYS A 503 5.03 -8.87 6.29
CA LYS A 503 5.43 -8.89 4.89
C LYS A 503 4.78 -7.72 4.17
N LEU A 504 5.42 -7.34 3.05
CA LEU A 504 5.01 -6.20 2.26
C LEU A 504 3.93 -6.71 1.43
N GLY A 505 2.84 -5.92 1.34
CA GLY A 505 1.78 -6.21 0.38
C GLY A 505 1.90 -5.24 -0.76
N SER A 506 0.81 -4.49 -1.00
CA SER A 506 0.83 -3.43 -1.96
C SER A 506 -0.10 -2.30 -1.51
N GLY A 507 -0.51 -1.45 -2.46
CA GLY A 507 -1.32 -0.27 -2.12
C GLY A 507 -0.46 0.90 -1.71
N ASN A 508 0.82 0.89 -2.13
CA ASN A 508 1.69 2.04 -1.97
C ASN A 508 2.91 2.02 -2.86
N ASP A 509 3.71 3.08 -2.84
CA ASP A 509 4.67 3.36 -3.87
C ASP A 509 5.89 2.45 -3.93
N PHE A 510 6.06 1.57 -2.95
CA PHE A 510 7.10 0.58 -3.00
C PHE A 510 6.79 -0.55 -3.97
N GLU A 511 5.54 -0.65 -4.43
CA GLU A 511 5.12 -1.79 -5.25
C GLU A 511 6.03 -2.06 -6.47
N VAL A 512 6.29 -0.99 -7.24
CA VAL A 512 7.06 -1.16 -8.48
C VAL A 512 8.53 -1.61 -8.15
N PHE A 513 9.03 -1.04 -7.05
CA PHE A 513 10.40 -1.34 -6.62
C PHE A 513 10.61 -2.76 -6.12
N PHE A 514 9.68 -3.26 -5.33
CA PHE A 514 9.81 -4.55 -4.73
C PHE A 514 9.22 -5.63 -5.67
N GLN A 515 7.93 -5.55 -5.96
CA GLN A 515 7.28 -6.62 -6.71
C GLN A 515 7.60 -6.70 -8.21
N ARG A 516 7.86 -5.55 -8.85
CA ARG A 516 8.26 -5.58 -10.24
C ARG A 516 9.75 -5.74 -10.38
N LEU A 517 10.49 -4.83 -9.75
CA LEU A 517 11.94 -4.81 -9.91
C LEU A 517 12.85 -5.61 -8.99
N GLY A 518 12.36 -6.03 -7.81
CA GLY A 518 13.14 -6.82 -6.90
C GLY A 518 14.21 -6.10 -6.15
N ILE A 519 13.89 -4.85 -5.76
CA ILE A 519 14.76 -4.04 -4.92
C ILE A 519 14.25 -4.18 -3.46
N ALA A 520 15.16 -4.54 -2.58
CA ALA A 520 14.83 -4.68 -1.17
C ALA A 520 14.06 -3.45 -0.68
N SER A 521 12.92 -3.65 -0.05
CA SER A 521 12.10 -2.52 0.30
C SER A 521 11.59 -2.66 1.71
N GLY A 522 11.32 -1.51 2.33
CA GLY A 522 10.63 -1.51 3.62
C GLY A 522 9.77 -0.22 3.89
N ARG A 523 8.97 -0.30 4.94
CA ARG A 523 8.17 0.84 5.41
C ARG A 523 7.97 0.71 6.92
N ALA A 524 7.73 1.86 7.57
CA ALA A 524 7.60 1.93 9.01
C ALA A 524 6.73 3.18 9.37
N ARG A 525 5.82 2.96 10.31
CA ARG A 525 5.03 4.07 10.91
C ARG A 525 4.55 3.71 12.27
N TYR A 526 3.97 4.70 12.95
CA TYR A 526 3.28 4.44 14.24
C TYR A 526 1.87 4.03 13.99
N THR A 527 1.36 3.08 14.81
CA THR A 527 0.04 2.53 14.49
C THR A 527 -0.78 2.38 15.77
N LYS A 528 -2.00 1.89 15.63
CA LYS A 528 -2.92 1.75 16.76
C LYS A 528 -2.74 0.34 17.34
N ASN A 529 -3.41 0.06 18.43
CA ASN A 529 -3.41 -1.29 19.02
C ASN A 529 -4.50 -2.11 18.37
N TRP A 530 -4.15 -3.06 17.51
CA TRP A 530 -5.13 -3.97 16.90
C TRP A 530 -5.98 -4.80 17.93
N GLU A 531 -5.37 -5.25 19.03
CA GLU A 531 -6.07 -6.08 20.06
C GLU A 531 -7.37 -5.43 20.52
N THR A 532 -7.31 -4.15 20.87
CA THR A 532 -8.48 -3.40 21.33
C THR A 532 -9.16 -2.63 20.20
N ASN A 533 -8.57 -2.67 19.00
CA ASN A 533 -9.04 -1.86 17.87
C ASN A 533 -8.52 -2.41 16.53
N SER A 536 -9.87 -2.30 8.50
CA SER A 536 -9.94 -0.83 8.55
C SER A 536 -8.78 -0.14 9.36
N GLY A 537 -8.30 1.00 8.85
CA GLY A 537 -7.13 1.70 9.39
C GLY A 537 -7.51 2.80 10.38
N TYR A 538 -7.41 4.08 9.99
CA TYR A 538 -7.86 5.17 10.89
C TYR A 538 -9.24 5.71 10.36
N PRO A 539 -10.13 6.11 11.25
CA PRO A 539 -11.50 6.47 10.79
C PRO A 539 -11.58 7.57 9.72
N LEU A 540 -10.75 8.59 9.79
CA LEU A 540 -10.89 9.75 8.84
C LEU A 540 -10.05 9.59 7.54
N TYR A 541 -9.59 8.36 7.29
CA TYR A 541 -8.93 8.03 6.04
C TYR A 541 -9.61 8.47 4.77
N HIS A 542 -8.88 9.28 4.00
CA HIS A 542 -9.37 9.79 2.67
C HIS A 542 -10.66 10.70 2.69
N SER A 543 -10.86 11.33 3.85
CA SER A 543 -11.99 12.18 4.13
C SER A 543 -11.46 13.62 4.17
N VAL A 544 -12.37 14.60 3.96
CA VAL A 544 -12.03 16.03 4.05
C VAL A 544 -11.54 16.32 5.49
N TYR A 545 -11.89 15.45 6.44
CA TYR A 545 -11.64 15.68 7.91
C TYR A 545 -10.20 15.40 8.32
N GLU A 546 -9.41 14.85 7.37
CA GLU A 546 -7.99 14.56 7.61
C GLU A 546 -7.16 15.84 7.49
N THR A 547 -6.89 16.52 8.59
CA THR A 547 -6.36 17.85 8.57
C THR A 547 -5.18 17.97 9.44
N TYR A 548 -4.41 19.04 9.33
CA TYR A 548 -3.42 19.37 10.36
C TYR A 548 -3.97 19.24 11.79
N GLU A 549 -5.18 19.78 12.00
CA GLU A 549 -5.73 19.84 13.36
C GLU A 549 -5.97 18.46 13.87
N LEU A 550 -6.42 17.59 12.98
CA LEU A 550 -6.65 16.20 13.38
C LEU A 550 -5.38 15.63 13.99
N VAL A 551 -4.24 15.93 13.38
CA VAL A 551 -2.97 15.39 13.84
C VAL A 551 -2.47 16.07 15.14
N GLU A 552 -2.47 17.39 15.13
CA GLU A 552 -1.91 18.21 16.20
C GLU A 552 -2.74 18.08 17.46
N LYS A 553 -4.04 17.88 17.30
CA LYS A 553 -4.89 17.79 18.47
C LYS A 553 -5.05 16.39 19.00
N PHE A 554 -5.27 15.40 18.12
CA PHE A 554 -5.66 14.07 18.55
C PHE A 554 -4.63 12.94 18.36
N TYR A 555 -3.65 13.11 17.49
CA TYR A 555 -2.69 12.00 17.21
C TYR A 555 -1.35 12.24 17.86
N ASP A 556 -0.73 13.38 17.60
CA ASP A 556 0.69 13.58 17.98
C ASP A 556 0.99 15.01 18.35
N PRO A 557 0.36 15.54 19.47
CA PRO A 557 0.58 16.94 19.69
C PRO A 557 2.00 17.41 19.89
N MET A 558 2.87 16.57 20.47
CA MET A 558 4.28 16.91 20.67
CA MET A 558 4.28 16.94 20.65
C MET A 558 5.12 16.52 19.42
N PHE A 559 4.50 15.85 18.46
CA PHE A 559 5.22 15.38 17.27
C PHE A 559 6.34 14.39 17.54
N LYS A 560 6.16 13.63 18.60
CA LYS A 560 7.19 12.75 19.05
C LYS A 560 7.02 11.43 18.31
N TYR A 561 5.81 11.04 17.92
CA TYR A 561 5.69 9.79 17.18
C TYR A 561 6.28 10.04 15.79
N HIS A 562 5.99 11.21 15.22
CA HIS A 562 6.58 11.62 13.96
C HIS A 562 8.10 11.61 14.01
N LEU A 563 8.67 12.11 15.12
CA LEU A 563 10.10 12.21 15.24
C LEU A 563 10.72 10.80 15.26
N THR A 564 10.15 9.90 16.00
CA THR A 564 10.57 8.48 16.08
C THR A 564 10.51 7.78 14.69
N VAL A 565 9.41 7.98 13.96
CA VAL A 565 9.29 7.49 12.59
C VAL A 565 10.34 8.13 11.71
N ALA A 566 10.63 9.40 11.86
CA ALA A 566 11.71 10.01 11.12
C ALA A 566 13.08 9.38 11.41
N GLN A 567 13.31 9.04 12.66
CA GLN A 567 14.52 8.33 13.06
C GLN A 567 14.60 6.89 12.50
N VAL A 568 13.50 6.19 12.47
CA VAL A 568 13.46 4.83 11.94
C VAL A 568 13.70 4.90 10.45
N ARG A 569 12.89 5.66 9.73
CA ARG A 569 13.08 5.81 8.28
C ARG A 569 14.42 6.34 7.90
N GLY A 570 14.77 7.46 8.51
CA GLY A 570 16.01 8.09 8.24
C GLY A 570 17.23 7.24 8.65
N GLY A 571 17.15 6.62 9.80
CA GLY A 571 18.15 5.72 10.26
C GLY A 571 18.40 4.54 9.33
N MET A 572 17.32 3.94 8.77
CA MET A 572 17.42 2.89 7.76
C MET A 572 18.15 3.35 6.54
N VAL A 573 17.76 4.50 6.00
CA VAL A 573 18.39 5.03 4.89
C VAL A 573 19.85 5.30 5.19
N PHE A 574 20.15 5.83 6.39
CA PHE A 574 21.52 6.22 6.70
C PHE A 574 22.44 4.95 6.68
N GLU A 575 22.07 3.94 7.42
CA GLU A 575 22.77 2.65 7.41
C GLU A 575 22.92 1.99 6.02
N LEU A 576 21.84 2.01 5.22
CA LEU A 576 21.85 1.47 3.87
C LEU A 576 22.84 2.20 3.03
N ALA A 577 22.82 3.53 3.14
CA ALA A 577 23.70 4.30 2.33
C ALA A 577 25.18 4.41 2.81
N ASN A 578 25.46 4.03 4.07
CA ASN A 578 26.80 4.29 4.66
CA ASN A 578 26.78 4.32 4.66
C ASN A 578 27.54 3.11 5.22
N SER A 579 26.86 2.07 5.59
CA SER A 579 27.56 0.90 6.09
C SER A 579 28.47 0.32 4.96
N ILE A 580 29.66 -0.05 5.37
CA ILE A 580 30.67 -0.56 4.41
C ILE A 580 30.12 -1.81 3.75
N VAL A 581 29.69 -2.77 4.57
CA VAL A 581 28.98 -3.96 4.10
C VAL A 581 27.48 -3.66 4.20
N LEU A 582 26.72 -4.01 3.17
CA LEU A 582 25.29 -3.74 3.13
C LEU A 582 24.67 -4.44 4.28
N PRO A 583 23.75 -3.74 5.01
CA PRO A 583 23.16 -4.27 6.21
C PRO A 583 21.98 -5.20 5.97
N PHE A 584 22.21 -6.22 5.13
CA PHE A 584 21.23 -7.26 4.90
C PHE A 584 21.75 -8.58 5.43
N ASP A 585 20.89 -9.40 5.95
CA ASP A 585 21.25 -10.70 6.47
C ASP A 585 20.46 -11.73 5.71
N CYS A 586 21.13 -12.40 4.76
CA CYS A 586 20.49 -13.45 3.91
C CYS A 586 19.97 -14.57 4.70
N ARG A 587 20.52 -14.82 5.88
CA ARG A 587 19.92 -15.91 6.68
C ARG A 587 18.47 -15.66 7.18
N ASP A 588 18.10 -14.40 7.37
CA ASP A 588 16.72 -14.14 7.74
C ASP A 588 15.74 -14.56 6.61
N TYR A 589 16.19 -14.45 5.36
CA TYR A 589 15.37 -14.96 4.25
C TYR A 589 15.23 -16.46 4.34
N ALA A 590 16.31 -17.14 4.73
CA ALA A 590 16.25 -18.62 4.85
C ALA A 590 15.24 -19.08 5.84
N VAL A 591 15.19 -18.38 6.96
CA VAL A 591 14.21 -18.69 7.95
C VAL A 591 12.76 -18.50 7.41
N VAL A 592 12.44 -17.36 6.77
CA VAL A 592 11.02 -17.22 6.40
C VAL A 592 10.64 -18.14 5.29
N LEU A 593 11.60 -18.42 4.42
CA LEU A 593 11.36 -19.30 3.27
C LEU A 593 10.89 -20.65 3.76
N ARG A 594 11.47 -21.12 4.87
CA ARG A 594 11.00 -22.41 5.43
C ARG A 594 9.61 -22.29 5.98
N LYS A 595 9.33 -21.19 6.67
CA LYS A 595 7.96 -20.96 7.17
C LYS A 595 6.94 -20.92 6.03
N TYR A 596 7.26 -20.18 4.96
CA TYR A 596 6.34 -20.15 3.85
C TYR A 596 6.12 -21.51 3.19
N ALA A 597 7.20 -22.27 3.08
CA ALA A 597 7.09 -23.57 2.45
C ALA A 597 6.19 -24.50 3.31
N ASP A 598 6.38 -24.45 4.62
CA ASP A 598 5.50 -25.22 5.56
C ASP A 598 4.07 -24.76 5.39
N LYS A 599 3.85 -23.46 5.28
CA LYS A 599 2.50 -22.95 5.15
C LYS A 599 1.81 -23.42 3.85
N ILE A 600 2.49 -23.26 2.74
CA ILE A 600 1.91 -23.65 1.47
C ILE A 600 1.76 -25.19 1.35
N TYR A 601 2.76 -25.95 1.79
CA TYR A 601 2.56 -27.41 2.01
C TYR A 601 1.27 -27.71 2.76
N SER A 602 1.08 -27.07 3.95
CA SER A 602 -0.17 -27.34 4.76
C SER A 602 -1.45 -27.06 4.00
N ILE A 603 -1.46 -25.99 3.19
CA ILE A 603 -2.63 -25.71 2.39
C ILE A 603 -2.87 -26.84 1.41
N SER A 604 -1.82 -27.29 0.74
CA SER A 604 -2.01 -28.37 -0.19
C SER A 604 -2.55 -29.62 0.48
N MET A 605 -2.03 -29.88 1.69
CA MET A 605 -2.31 -31.13 2.43
C MET A 605 -3.74 -31.27 2.94
N LYS A 606 -4.59 -30.28 2.70
CA LYS A 606 -6.01 -30.43 2.87
C LYS A 606 -6.67 -31.24 1.78
N HIS A 607 -5.92 -31.57 0.71
CA HIS A 607 -6.38 -32.41 -0.43
C HIS A 607 -5.46 -33.64 -0.65
N PRO A 608 -5.32 -34.49 0.40
CA PRO A 608 -4.36 -35.63 0.38
C PRO A 608 -4.64 -36.59 -0.73
N GLN A 609 -5.91 -36.81 -1.02
CA GLN A 609 -6.28 -37.72 -2.07
C GLN A 609 -5.79 -37.25 -3.43
N GLU A 610 -5.97 -35.94 -3.69
CA GLU A 610 -5.49 -35.39 -4.95
C GLU A 610 -3.98 -35.34 -5.00
N MET A 611 -3.33 -35.13 -3.88
CA MET A 611 -1.88 -35.10 -3.90
C MET A 611 -1.33 -36.52 -4.28
N LYS A 612 -2.01 -37.57 -3.80
CA LYS A 612 -1.66 -38.95 -4.21
C LYS A 612 -1.97 -39.17 -5.68
N THR A 613 -3.19 -38.86 -6.08
CA THR A 613 -3.60 -39.22 -7.45
C THR A 613 -2.75 -38.51 -8.47
N TYR A 614 -2.39 -37.25 -8.21
CA TYR A 614 -1.59 -36.49 -9.22
C TYR A 614 -0.13 -36.40 -8.92
N SER A 615 0.35 -37.11 -7.89
CA SER A 615 1.77 -37.09 -7.57
C SER A 615 2.31 -35.71 -7.27
N VAL A 616 1.64 -35.01 -6.36
CA VAL A 616 1.99 -33.64 -6.06
C VAL A 616 3.00 -33.69 -4.92
N SER A 617 4.25 -33.38 -5.20
CA SER A 617 5.28 -33.29 -4.22
C SER A 617 5.86 -31.89 -4.03
N PHE A 618 6.03 -31.52 -2.77
CA PHE A 618 6.76 -30.36 -2.34
C PHE A 618 8.26 -30.63 -2.05
N ASP A 619 8.78 -31.85 -2.35
CA ASP A 619 10.19 -32.17 -2.08
C ASP A 619 11.15 -31.21 -2.69
N SER A 620 10.91 -30.84 -3.92
CA SER A 620 11.85 -29.92 -4.58
C SER A 620 11.91 -28.54 -3.87
N LEU A 621 10.78 -28.03 -3.40
CA LEU A 621 10.73 -26.70 -2.76
C LEU A 621 11.49 -26.75 -1.40
N PHE A 622 11.17 -27.78 -0.61
CA PHE A 622 11.88 -28.01 0.63
C PHE A 622 13.36 -28.22 0.41
N SER A 623 13.71 -28.95 -0.62
CA SER A 623 15.13 -29.08 -0.95
C SER A 623 15.81 -27.79 -1.26
N ALA A 624 15.20 -27.00 -2.16
CA ALA A 624 15.74 -25.70 -2.47
C ALA A 624 15.90 -24.83 -1.21
N VAL A 625 14.89 -24.85 -0.34
CA VAL A 625 14.96 -23.98 0.92
C VAL A 625 16.10 -24.44 1.81
N LYS A 626 16.27 -25.76 1.93
CA LYS A 626 17.47 -26.31 2.66
C LYS A 626 18.76 -25.87 2.08
N ASN A 627 18.87 -25.95 0.75
CA ASN A 627 20.08 -25.48 0.12
C ASN A 627 20.28 -24.00 0.38
N PHE A 628 19.19 -23.23 0.21
CA PHE A 628 19.32 -21.75 0.43
C PHE A 628 19.87 -21.56 1.87
N THR A 629 19.33 -22.27 2.85
CA THR A 629 19.80 -22.09 4.27
C THR A 629 21.29 -22.39 4.41
N GLU A 630 21.75 -23.45 3.72
CA GLU A 630 23.16 -23.87 3.91
C GLU A 630 24.03 -22.91 3.21
N ILE A 631 23.61 -22.49 2.01
CA ILE A 631 24.50 -21.64 1.23
C ILE A 631 24.58 -20.27 1.90
N ALA A 632 23.43 -19.84 2.37
CA ALA A 632 23.38 -18.52 3.07
C ALA A 632 24.26 -18.51 4.32
N SER A 633 24.21 -19.62 5.05
CA SER A 633 25.08 -19.74 6.22
C SER A 633 26.58 -19.65 5.85
N LYS A 634 27.00 -20.35 4.80
CA LYS A 634 28.36 -20.27 4.38
C LYS A 634 28.68 -18.88 3.86
N PHE A 635 27.75 -18.25 3.14
CA PHE A 635 28.04 -16.89 2.69
C PHE A 635 28.27 -15.93 3.87
N SER A 636 27.44 -16.02 4.89
CA SER A 636 27.63 -15.12 6.07
C SER A 636 29.00 -15.29 6.73
N GLU A 637 29.46 -16.53 6.84
CA GLU A 637 30.81 -16.81 7.36
C GLU A 637 31.81 -16.09 6.52
N ARG A 638 31.70 -16.19 5.18
CA ARG A 638 32.67 -15.49 4.35
C ARG A 638 32.57 -13.99 4.50
N LEU A 639 31.35 -13.53 4.66
CA LEU A 639 31.13 -12.07 4.72
C LEU A 639 31.80 -11.54 5.99
N GLN A 640 31.73 -12.36 7.02
CA GLN A 640 32.38 -12.00 8.26
C GLN A 640 33.88 -12.11 8.23
N ASP A 641 34.40 -13.15 7.57
CA ASP A 641 35.85 -13.47 7.53
C ASP A 641 36.56 -12.96 6.34
N PHE A 642 35.90 -12.33 5.39
CA PHE A 642 36.62 -12.01 4.17
C PHE A 642 37.54 -10.96 4.52
N ASP A 643 38.47 -10.76 3.62
CA ASP A 643 39.58 -9.84 3.82
C ASP A 643 39.09 -8.41 3.68
N LYS A 644 39.04 -7.72 4.81
CA LYS A 644 38.40 -6.35 4.90
C LYS A 644 39.08 -5.27 4.09
N SER A 645 40.43 -5.43 3.88
CA SER A 645 41.19 -4.46 3.09
C SER A 645 40.71 -4.33 1.54
N ASN A 646 40.24 -5.45 0.98
CA ASN A 646 40.03 -5.57 -0.48
C ASN A 646 38.70 -4.98 -1.01
N PRO A 647 38.75 -3.85 -1.69
CA PRO A 647 37.53 -3.25 -2.15
C PRO A 647 36.75 -4.04 -3.22
N ILE A 648 37.48 -4.82 -4.05
CA ILE A 648 36.85 -5.64 -5.07
C ILE A 648 36.14 -6.75 -4.43
N VAL A 649 36.79 -7.40 -3.49
CA VAL A 649 36.12 -8.44 -2.79
C VAL A 649 34.90 -7.81 -2.10
N LEU A 650 35.05 -6.56 -1.68
CA LEU A 650 33.96 -6.00 -0.85
C LEU A 650 32.75 -5.72 -1.81
N ARG A 651 33.04 -5.10 -2.91
CA ARG A 651 32.07 -4.81 -3.95
C ARG A 651 31.37 -6.10 -4.44
N MET A 652 32.15 -7.22 -4.59
CA MET A 652 31.62 -8.51 -5.03
CA MET A 652 31.59 -8.42 -5.10
C MET A 652 30.60 -8.93 -4.08
N MET A 653 30.98 -8.92 -2.80
CA MET A 653 30.06 -9.43 -1.81
C MET A 653 28.82 -8.49 -1.57
N ASN A 654 29.02 -7.19 -1.61
CA ASN A 654 27.90 -6.18 -1.62
C ASN A 654 27.00 -6.42 -2.84
N ASP A 655 27.57 -6.69 -4.02
CA ASP A 655 26.77 -7.04 -5.18
C ASP A 655 25.96 -8.28 -4.93
N GLN A 656 26.51 -9.29 -4.27
CA GLN A 656 25.76 -10.45 -4.01
C GLN A 656 24.58 -10.14 -3.04
N LEU A 657 24.86 -9.29 -2.04
CA LEU A 657 23.78 -8.88 -1.16
C LEU A 657 22.72 -8.03 -1.91
N MET A 658 23.13 -7.10 -2.74
CA MET A 658 22.21 -6.24 -3.50
C MET A 658 21.32 -7.07 -4.43
N PHE A 659 21.96 -8.01 -5.16
CA PHE A 659 21.27 -8.88 -6.15
C PHE A 659 20.51 -10.05 -5.58
N LEU A 660 20.54 -10.23 -4.28
CA LEU A 660 19.81 -11.32 -3.72
C LEU A 660 18.28 -11.12 -3.82
N GLU A 661 17.80 -9.94 -3.44
CA GLU A 661 16.34 -9.67 -3.62
C GLU A 661 15.99 -9.82 -5.11
N ARG A 662 16.88 -9.34 -5.92
CA ARG A 662 16.69 -9.36 -7.38
C ARG A 662 16.55 -10.75 -7.94
N ALA A 663 17.16 -11.71 -7.26
CA ALA A 663 17.17 -13.06 -7.73
C ALA A 663 15.83 -13.71 -7.63
N PHE A 664 14.94 -13.16 -6.79
CA PHE A 664 13.59 -13.69 -6.70
C PHE A 664 12.63 -13.25 -7.79
N ILE A 665 13.07 -12.36 -8.67
CA ILE A 665 12.28 -11.92 -9.83
C ILE A 665 12.25 -13.01 -10.92
N ASP A 666 11.05 -13.34 -11.40
CA ASP A 666 10.90 -14.13 -12.63
C ASP A 666 10.54 -13.22 -13.75
N PRO A 667 11.32 -13.22 -14.81
CA PRO A 667 10.99 -12.26 -15.83
C PRO A 667 9.69 -12.58 -16.59
N LEU A 668 9.14 -13.77 -16.45
CA LEU A 668 7.89 -14.08 -17.07
C LEU A 668 6.73 -13.58 -16.25
N GLY A 669 6.99 -13.08 -15.03
CA GLY A 669 5.93 -12.73 -14.15
C GLY A 669 5.05 -13.87 -13.57
N LEU A 670 4.07 -13.51 -12.74
CA LEU A 670 3.08 -14.43 -12.30
C LEU A 670 1.92 -14.53 -13.29
N PRO A 671 1.17 -15.66 -13.23
CA PRO A 671 0.10 -15.87 -14.21
C PRO A 671 -0.90 -14.72 -14.35
N ASP A 672 -1.00 -14.19 -15.56
CA ASP A 672 -1.89 -13.09 -15.90
C ASP A 672 -1.58 -11.78 -15.22
N ARG A 673 -0.45 -11.72 -14.50
CA ARG A 673 -0.03 -10.50 -13.81
C ARG A 673 1.43 -10.29 -14.11
N PRO A 674 1.72 -9.78 -15.29
CA PRO A 674 3.10 -9.66 -15.70
C PRO A 674 3.97 -8.70 -14.95
N PHE A 675 3.40 -7.75 -14.19
CA PHE A 675 4.22 -6.78 -13.39
C PHE A 675 4.39 -7.19 -11.95
N TYR A 676 3.84 -8.34 -11.59
CA TYR A 676 4.18 -8.95 -10.31
C TYR A 676 5.13 -10.11 -10.59
N ARG A 677 6.42 -9.85 -10.37
N ARG A 677 6.43 -9.82 -10.41
CA ARG A 677 7.46 -10.75 -10.86
CA ARG A 677 7.50 -10.72 -10.87
C ARG A 677 8.21 -11.45 -9.73
C ARG A 677 8.21 -11.45 -9.73
N HIS A 678 8.01 -11.01 -8.49
CA HIS A 678 8.67 -11.59 -7.35
C HIS A 678 8.01 -12.93 -7.06
N VAL A 679 8.81 -13.99 -6.91
CA VAL A 679 8.21 -15.34 -6.75
C VAL A 679 7.76 -15.62 -5.33
N ILE A 680 8.44 -15.00 -4.38
CA ILE A 680 8.14 -15.23 -2.95
C ILE A 680 6.94 -14.40 -2.45
N TYR A 681 6.82 -13.13 -2.90
CA TYR A 681 5.77 -12.16 -2.45
C TYR A 681 5.01 -11.53 -3.62
N ALA A 682 3.68 -11.57 -3.56
CA ALA A 682 2.87 -10.70 -4.41
C ALA A 682 1.73 -10.19 -3.60
N PRO A 683 1.10 -9.12 -4.06
CA PRO A 683 -0.14 -8.72 -3.42
C PRO A 683 -1.14 -9.77 -3.62
N SER A 684 -1.96 -10.03 -2.59
CA SER A 684 -3.01 -11.01 -2.67
C SER A 684 -3.96 -10.72 -3.82
N SER A 685 -4.24 -11.72 -4.66
CA SER A 685 -5.24 -11.59 -5.70
C SER A 685 -6.65 -11.24 -5.16
N HIS A 686 -6.84 -11.36 -3.87
CA HIS A 686 -8.17 -11.08 -3.21
C HIS A 686 -8.11 -9.79 -2.40
N ASN A 687 -6.90 -9.26 -2.17
CA ASN A 687 -6.75 -8.06 -1.38
C ASN A 687 -5.39 -7.41 -1.62
N LYS A 688 -5.38 -6.41 -2.50
CA LYS A 688 -4.16 -5.71 -2.87
C LYS A 688 -3.31 -5.26 -1.69
N TYR A 689 -3.92 -4.93 -0.54
CA TYR A 689 -3.11 -4.51 0.61
C TYR A 689 -2.30 -5.58 1.33
N ALA A 690 -2.78 -6.81 1.24
CA ALA A 690 -2.16 -7.98 1.93
C ALA A 690 -1.08 -8.62 1.04
N GLY A 691 0.06 -8.86 1.62
CA GLY A 691 1.06 -9.69 0.94
C GLY A 691 0.70 -11.18 1.00
N GLU A 692 0.91 -11.90 -0.08
CA GLU A 692 0.85 -13.38 -0.11
C GLU A 692 2.23 -13.98 -0.35
N SER A 693 2.58 -15.04 0.39
CA SER A 693 3.83 -15.75 0.15
C SER A 693 3.63 -16.94 -0.80
N PHE A 694 4.66 -17.24 -1.59
CA PHE A 694 4.52 -18.20 -2.75
C PHE A 694 3.21 -17.99 -3.47
N PRO A 695 3.00 -16.72 -3.98
CA PRO A 695 1.65 -16.52 -4.55
C PRO A 695 1.25 -17.36 -5.72
N GLY A 696 2.22 -17.80 -6.54
CA GLY A 696 1.94 -18.63 -7.70
C GLY A 696 1.28 -19.94 -7.27
N ILE A 697 1.83 -20.52 -6.21
CA ILE A 697 1.31 -21.81 -5.72
C ILE A 697 -0.01 -21.52 -4.97
N TYR A 698 -0.05 -20.46 -4.16
CA TYR A 698 -1.24 -20.17 -3.42
C TYR A 698 -2.44 -20.05 -4.31
N ASP A 699 -2.31 -19.23 -5.35
CA ASP A 699 -3.40 -19.03 -6.29
C ASP A 699 -3.73 -20.30 -7.05
N ALA A 700 -2.74 -21.12 -7.35
CA ALA A 700 -3.11 -22.34 -8.06
C ALA A 700 -3.92 -23.27 -7.12
N LEU A 701 -3.63 -23.21 -5.82
CA LEU A 701 -4.39 -23.98 -4.81
C LEU A 701 -5.75 -23.41 -4.40
N PHE A 702 -5.93 -22.13 -4.59
CA PHE A 702 -7.12 -21.46 -4.08
C PHE A 702 -8.37 -21.98 -4.73
N ASP A 703 -9.31 -22.37 -3.88
CA ASP A 703 -10.61 -22.90 -4.32
C ASP A 703 -10.50 -24.05 -5.30
N ILE A 704 -9.41 -24.82 -5.25
CA ILE A 704 -9.12 -25.79 -6.27
C ILE A 704 -10.21 -26.87 -6.35
N GLU A 705 -10.85 -27.15 -5.18
CA GLU A 705 -11.94 -28.13 -5.16
C GLU A 705 -13.09 -27.75 -6.03
N SER A 706 -13.21 -26.48 -6.43
CA SER A 706 -14.24 -26.08 -7.37
C SER A 706 -13.90 -26.15 -8.78
N LYS A 707 -12.67 -26.52 -9.18
CA LYS A 707 -12.33 -26.51 -10.60
C LYS A 707 -12.90 -27.73 -11.31
N VAL A 708 -13.31 -27.58 -12.56
CA VAL A 708 -14.02 -28.66 -13.25
C VAL A 708 -13.06 -29.70 -13.82
N ASP A 709 -11.83 -29.32 -14.14
CA ASP A 709 -10.84 -30.25 -14.58
C ASP A 709 -9.70 -30.37 -13.53
N PRO A 710 -9.85 -31.26 -12.54
CA PRO A 710 -8.90 -31.37 -11.46
C PRO A 710 -7.51 -31.78 -11.93
N SER A 711 -7.43 -32.57 -12.99
CA SER A 711 -6.14 -32.92 -13.51
C SER A 711 -5.33 -31.71 -13.98
N LYS A 712 -6.01 -30.85 -14.72
CA LYS A 712 -5.42 -29.63 -15.19
C LYS A 712 -5.04 -28.70 -14.02
N ALA A 713 -5.92 -28.57 -13.04
CA ALA A 713 -5.68 -27.68 -11.90
C ALA A 713 -4.48 -28.13 -11.05
N TRP A 714 -4.39 -29.45 -10.79
CA TRP A 714 -3.29 -29.96 -10.01
C TRP A 714 -1.99 -29.93 -10.77
N GLY A 715 -2.08 -30.10 -12.07
CA GLY A 715 -0.95 -29.86 -12.99
C GLY A 715 -0.33 -28.51 -12.79
N GLU A 716 -1.19 -27.49 -12.62
CA GLU A 716 -0.72 -26.11 -12.53
C GLU A 716 -0.13 -25.90 -11.14
N VAL A 717 -0.72 -26.53 -10.15
CA VAL A 717 -0.05 -26.56 -8.81
C VAL A 717 1.39 -27.04 -8.92
N LYS A 718 1.55 -28.19 -9.54
CA LYS A 718 2.88 -28.75 -9.71
C LYS A 718 3.78 -27.82 -10.55
N ARG A 719 3.26 -27.25 -11.63
CA ARG A 719 4.06 -26.24 -12.32
C ARG A 719 4.58 -25.11 -11.42
N GLN A 720 3.72 -24.57 -10.55
CA GLN A 720 4.10 -23.48 -9.73
C GLN A 720 5.09 -23.93 -8.64
N ILE A 721 4.95 -25.17 -8.18
CA ILE A 721 5.95 -25.71 -7.24
C ILE A 721 7.33 -25.71 -7.88
N TYR A 722 7.39 -26.20 -9.11
CA TYR A 722 8.64 -26.23 -9.90
C TYR A 722 9.22 -24.85 -10.05
N VAL A 723 8.35 -23.90 -10.41
CA VAL A 723 8.80 -22.50 -10.52
C VAL A 723 9.39 -21.97 -9.22
N ALA A 724 8.72 -22.26 -8.13
CA ALA A 724 9.19 -21.76 -6.86
C ALA A 724 10.46 -22.41 -6.41
N ALA A 725 10.50 -23.74 -6.53
CA ALA A 725 11.74 -24.45 -6.10
C ALA A 725 12.96 -24.00 -6.91
N PHE A 726 12.78 -23.94 -8.22
CA PHE A 726 13.83 -23.42 -9.08
C PHE A 726 14.28 -22.04 -8.69
N THR A 727 13.33 -21.16 -8.47
CA THR A 727 13.73 -19.74 -8.19
C THR A 727 14.49 -19.62 -6.85
N VAL A 728 14.04 -20.38 -5.86
CA VAL A 728 14.72 -20.39 -4.56
C VAL A 728 16.12 -20.93 -4.67
N GLN A 729 16.28 -22.05 -5.40
CA GLN A 729 17.63 -22.59 -5.69
C GLN A 729 18.44 -21.61 -6.45
N ALA A 730 17.85 -21.00 -7.47
CA ALA A 730 18.60 -20.03 -8.21
C ALA A 730 19.07 -18.84 -7.40
N ALA A 731 18.20 -18.35 -6.51
CA ALA A 731 18.59 -17.25 -5.62
C ALA A 731 19.73 -17.68 -4.70
N ALA A 732 19.61 -18.85 -4.10
CA ALA A 732 20.70 -19.37 -3.25
C ALA A 732 22.01 -19.44 -3.99
N GLU A 733 21.95 -19.84 -5.26
CA GLU A 733 23.19 -19.92 -6.06
C GLU A 733 23.87 -18.63 -6.29
N THR A 734 23.13 -17.50 -6.21
CA THR A 734 23.81 -16.24 -6.38
C THR A 734 24.68 -15.96 -5.15
N LEU A 735 24.52 -16.70 -4.05
CA LEU A 735 25.31 -16.49 -2.86
C LEU A 735 26.51 -17.49 -2.72
N SER A 736 26.58 -18.49 -3.63
CA SER A 736 27.75 -19.38 -3.77
C SER A 736 28.97 -18.59 -4.17
N GLU A 737 30.16 -19.13 -3.92
CA GLU A 737 31.38 -18.52 -4.50
C GLU A 737 31.18 -18.36 -5.98
N VAL A 738 31.61 -17.27 -6.49
CA VAL A 738 31.20 -16.90 -7.80
C VAL A 738 31.99 -17.64 -8.94
N ALA A 739 33.07 -18.33 -8.58
CA ALA A 739 33.98 -18.96 -9.56
C ALA A 739 34.95 -19.81 -8.80
C1 NAG B . 5.05 27.00 2.89
C2 NAG B . 4.22 28.26 2.73
C3 NAG B . 4.74 29.10 1.56
C4 NAG B . 6.21 29.36 1.63
C5 NAG B . 6.96 28.10 2.01
C6 NAG B . 8.47 28.41 2.14
C7 NAG B . 1.92 28.16 3.47
C8 NAG B . 0.52 27.84 3.14
N2 NAG B . 2.82 27.95 2.50
O3 NAG B . 4.13 30.35 1.62
O4 NAG B . 6.62 29.78 0.36
O5 NAG B . 6.38 27.39 3.11
O6 NAG B . 8.98 28.67 3.43
O7 NAG B . 2.17 28.55 4.60
C1 NAG B . 7.34 31.04 0.42
C2 NAG B . 8.18 31.17 -0.82
C3 NAG B . 8.89 32.51 -0.82
C4 NAG B . 7.92 33.67 -0.88
C5 NAG B . 6.76 33.45 0.10
C6 NAG B . 5.48 34.03 -0.54
C7 NAG B . 9.12 29.07 -1.69
C8 NAG B . 10.30 28.12 -1.63
N2 NAG B . 9.21 30.15 -0.91
O3 NAG B . 9.52 32.58 -2.07
O4 NAG B . 8.57 34.93 -0.69
O5 NAG B . 6.41 32.11 0.45
O6 NAG B . 4.79 34.55 0.54
O7 NAG B . 8.17 28.80 -2.39
C1 NAG C . -19.93 18.07 -17.54
C2 NAG C . -19.44 17.82 -18.94
C3 NAG C . -20.04 18.80 -19.94
C4 NAG C . -21.50 19.22 -19.66
C5 NAG C . -21.76 19.44 -18.15
C6 NAG C . -23.17 19.95 -17.67
C7 NAG C . -17.19 16.96 -19.00
C8 NAG C . -15.75 17.18 -18.73
N2 NAG C . -18.01 17.95 -18.74
O3 NAG C . -20.08 18.16 -21.17
O4 NAG C . -21.77 20.35 -20.48
O5 NAG C . -21.33 18.19 -17.56
O6 NAG C . -24.36 19.14 -17.48
O7 NAG C . -17.56 15.87 -19.46
C1 NAG C . -22.81 20.14 -21.47
C2 NAG C . -23.26 21.55 -21.87
C3 NAG C . -24.29 21.51 -22.97
C4 NAG C . -23.76 20.70 -24.15
C5 NAG C . -23.37 19.27 -23.68
C6 NAG C . -22.86 18.41 -24.85
C7 NAG C . -23.09 23.16 -20.02
C8 NAG C . -23.68 23.80 -18.79
N2 NAG C . -23.80 22.25 -20.71
O3 NAG C . -24.51 22.84 -23.36
O4 NAG C . -24.71 20.79 -25.23
O5 NAG C . -22.45 19.28 -22.56
O6 NAG C . -21.54 17.93 -24.68
O7 NAG C . -21.95 23.50 -20.37
C1 NAG D . -33.03 14.72 -5.86
C2 NAG D . -34.29 15.51 -5.46
C3 NAG D . -35.20 15.60 -6.68
C4 NAG D . -34.46 16.20 -7.88
C5 NAG D . -33.10 15.46 -8.14
C6 NAG D . -32.24 16.11 -9.21
C7 NAG D . -35.02 15.15 -3.16
C8 NAG D . -35.83 14.32 -2.22
N2 NAG D . -35.03 14.81 -4.43
O3 NAG D . -36.23 16.46 -6.33
O4 NAG D . -35.34 16.09 -8.98
O5 NAG D . -32.35 15.32 -6.94
O6 NAG D . -31.89 17.43 -8.85
O7 NAG D . -34.40 16.10 -2.71
C1 NAG D . -35.43 17.31 -9.77
C2 NAG D . -35.96 16.85 -11.11
C3 NAG D . -36.26 18.04 -12.02
C4 NAG D . -37.21 19.03 -11.37
C5 NAG D . -36.55 19.45 -10.05
C6 NAG D . -37.39 20.46 -9.27
C7 NAG D . -35.05 14.64 -11.65
C8 NAG D . -34.02 13.84 -12.41
N2 NAG D . -35.00 15.98 -11.76
O3 NAG D . -36.93 17.53 -13.12
O4 NAG D . -37.47 20.06 -12.33
O5 NAG D . -36.28 18.30 -9.22
O6 NAG D . -38.16 19.74 -8.32
O7 NAG D . -35.85 14.04 -10.95
C1 NAG E . 23.02 -6.37 14.23
C2 NAG E . 23.87 -6.61 12.97
C3 NAG E . 24.63 -7.92 13.16
C4 NAG E . 25.44 -7.90 14.45
C5 NAG E . 24.41 -7.65 15.55
C6 NAG E . 24.96 -7.76 16.97
C7 NAG E . 23.25 -5.87 10.77
C8 NAG E . 22.48 -5.99 9.49
N2 NAG E . 23.09 -6.71 11.76
O3 NAG E . 25.53 -7.92 12.14
O4 NAG E . 26.02 -9.18 14.55
O5 NAG E . 23.98 -6.33 15.28
O6 NAG E . 26.00 -6.82 17.04
O7 NAG E . 24.02 -4.98 10.86
C1 NAG E . 27.39 -9.09 14.88
C2 NAG E . 27.77 -10.47 15.26
C3 NAG E . 29.26 -10.50 15.59
C4 NAG E . 29.98 -10.20 14.32
C5 NAG E . 29.55 -8.83 13.79
C6 NAG E . 30.02 -8.83 12.32
C7 NAG E . 26.04 -11.72 16.32
C8 NAG E . 25.32 -12.16 17.54
N2 NAG E . 27.06 -10.89 16.45
O3 NAG E . 29.63 -11.80 15.98
O4 NAG E . 31.36 -10.21 14.56
O5 NAG E . 28.13 -8.61 13.80
O6 NAG E . 30.59 -7.57 12.16
O7 NAG E . 25.68 -12.10 15.22
C1 NAG F . 19.95 -28.94 -3.45
C2 NAG F . 19.41 -29.15 -4.88
C3 NAG F . 19.71 -30.57 -5.30
C4 NAG F . 21.24 -30.83 -5.27
C5 NAG F . 21.87 -30.36 -3.96
C6 NAG F . 23.39 -30.21 -4.09
C7 NAG F . 17.39 -28.23 -5.81
C8 NAG F . 15.94 -28.01 -5.69
N2 NAG F . 18.01 -28.91 -4.83
O3 NAG F . 19.16 -30.79 -6.57
O4 NAG F . 21.49 -32.25 -5.36
O5 NAG F . 21.37 -29.10 -3.52
O6 NAG F . 23.93 -30.76 -2.90
O7 NAG F . 17.95 -27.75 -6.77
C1 NAG F . 21.56 -32.68 -6.73
C2 NAG F . 22.79 -33.51 -7.11
C3 NAG F . 22.59 -34.12 -8.51
C4 NAG F . 21.22 -34.84 -8.54
C5 NAG F . 20.19 -33.76 -8.24
C6 NAG F . 18.76 -34.27 -8.38
C7 NAG F . 24.97 -32.62 -6.41
C8 NAG F . 26.10 -31.66 -6.65
N2 NAG F . 23.94 -32.64 -7.25
O3 NAG F . 23.73 -34.92 -8.85
O4 NAG F . 20.83 -35.31 -9.80
O5 NAG F . 20.38 -33.40 -6.91
O6 NAG F . 18.33 -34.75 -7.13
O7 NAG F . 25.00 -33.34 -5.41
C1 BMA F . 21.28 -36.60 -10.18
C2 BMA F . 20.22 -37.31 -11.03
C3 BMA F . 20.76 -38.65 -11.50
C4 BMA F . 22.16 -38.51 -12.10
C5 BMA F . 23.06 -37.70 -11.19
C6 BMA F . 24.38 -37.39 -11.79
O2 BMA F . 19.85 -36.47 -12.14
O3 BMA F . 19.88 -39.14 -12.51
O4 BMA F . 22.70 -39.77 -12.28
O5 BMA F . 22.46 -36.43 -10.92
O6 BMA F . 25.04 -36.63 -10.78
C1 MAN F . 19.58 -40.49 -12.38
C2 MAN F . 19.05 -41.04 -13.62
C3 MAN F . 17.65 -40.43 -13.69
C4 MAN F . 16.86 -40.61 -12.40
C5 MAN F . 17.70 -40.11 -11.22
C6 MAN F . 17.01 -40.21 -9.84
O2 MAN F . 18.94 -42.42 -13.48
O3 MAN F . 16.82 -40.88 -14.71
O4 MAN F . 15.65 -39.86 -12.57
O5 MAN F . 18.93 -40.82 -11.23
O6 MAN F . 16.32 -41.45 -9.72
C1 MAN F . 26.44 -36.64 -10.92
C2 MAN F . 27.16 -36.06 -9.75
C3 MAN F . 27.05 -34.55 -9.81
C4 MAN F . 27.45 -34.07 -11.23
C5 MAN F . 26.72 -34.87 -12.34
C6 MAN F . 26.99 -34.43 -13.78
O2 MAN F . 28.53 -36.44 -9.91
O3 MAN F . 27.89 -33.99 -8.82
O4 MAN F . 27.15 -32.72 -11.35
O5 MAN F . 26.99 -36.27 -12.15
O6 MAN F . 25.88 -34.60 -14.68
C1 NAG G . -28.22 -14.95 -12.59
C2 NAG G . -28.10 -16.34 -13.16
C3 NAG G . -27.63 -16.22 -14.59
C4 NAG G . -28.61 -15.40 -15.43
C5 NAG G . -28.79 -14.04 -14.79
C6 NAG G . -29.77 -13.13 -15.57
C7 NAG G . -27.67 -18.27 -11.70
C8 NAG G . -26.64 -19.08 -10.96
N2 NAG G . -27.22 -17.21 -12.39
O3 NAG G . -27.54 -17.55 -15.00
O4 NAG G . -28.15 -15.25 -16.75
O5 NAG G . -29.12 -14.18 -13.41
O6 NAG G . -31.16 -13.29 -15.32
O7 NAG G . -28.85 -18.60 -11.60
C1 NAG H . -3.64 8.56 21.94
C2 NAG H . -4.85 7.98 21.25
C3 NAG H . -6.03 7.76 22.21
C4 NAG H . -5.65 6.81 23.34
C5 NAG H . -4.32 7.24 23.94
C6 NAG H . -3.75 5.93 24.47
C7 NAG H . -5.45 8.18 18.86
C8 NAG H . -5.80 9.01 17.66
N2 NAG H . -5.15 8.74 20.02
O3 NAG H . -7.08 6.97 21.70
O4 NAG H . -6.67 6.55 24.35
O5 NAG H . -3.33 7.78 23.06
O6 NAG H . -3.71 5.97 25.84
O7 NAG H . -5.47 6.97 18.67
ZN ZN I . -0.96 7.80 0.84
ZN ZN J . -4.14 7.39 0.35
CL CL K . 4.53 3.98 4.34
CA CA L . 3.56 3.46 -18.09
BR J37 M . 3.13 0.14 7.85
C54 J37 M . 1.45 -0.42 7.07
C53 J37 M . 0.27 0.32 7.08
C52 J37 M . -0.90 -0.13 6.43
C55 J37 M . 1.40 -1.63 6.43
C56 J37 M . 0.27 -2.10 5.80
C51 J37 M . -0.92 -1.37 5.78
C50 J37 M . -2.13 -1.96 5.05
N2 J37 M . -3.30 -1.09 5.22
C11 J37 M . -3.42 -0.05 4.19
C10 J37 M . -4.63 0.95 4.30
C9 J37 M . -4.16 2.38 4.02
C8 J37 M . -3.75 2.57 2.61
C1 J37 M . -2.70 3.65 2.29
N J37 M . -2.66 3.51 0.85
C2 J37 M . -3.47 4.20 0.05
O6 J37 M . -4.39 4.90 0.46
N1 J37 M . -3.28 4.03 -1.24
C3 J37 M . -4.26 4.30 -2.23
C7 J37 M . -5.46 3.56 -1.82
O5 J37 M . -5.41 2.51 -1.13
O4 J37 M . -6.57 4.13 -2.22
C4 J37 M . -3.85 3.84 -3.62
C5 J37 M . -3.31 2.38 -3.60
C6 J37 M . -3.29 1.73 -4.98
O3 J37 M . -2.67 0.69 -5.20
O2 J37 M . -3.95 2.29 -5.97
C J37 M . -1.40 3.31 2.99
O1 J37 M . -0.64 2.38 2.50
O J37 M . -1.09 3.78 4.06
C12 J37 M . -4.12 -1.30 6.27
O21 J37 M . -3.63 -1.69 7.32
C13 J37 M . -5.63 -1.12 6.18
C14 J37 M . -6.35 -2.34 5.94
#